data_3VSC
#
_entry.id   3VSC
#
_cell.length_a   74.676
_cell.length_b   74.676
_cell.length_c   276.115
_cell.angle_alpha   90.000
_cell.angle_beta   90.000
_cell.angle_gamma   90.000
#
_symmetry.space_group_name_H-M   'P 43 21 2'
#
loop_
_entity.id
_entity.type
_entity.pdbx_description
1 polymer 'Protein CysO'
2 non-polymer "PYRIDOXAL-5'-PHOSPHATE"
3 non-polymer PHOSPHOSERINE
4 non-polymer (4S)-2-METHYL-2,4-PENTANEDIOL
5 water water
#
_entity_poly.entity_id   1
_entity_poly.type   'polypeptide(L)'
_entity_poly.pdbx_seq_one_letter_code
;MALADISGYLDVLDSVRGFSYLENAREVLRSGEARCLGNPRSEPEYVKALYVIGASRIPVGDGCSHTLEELGVFDISVPG
EMVFPSPLDFFERGKPTPLVRSRLQLPNGVRVWLKLEWYNPFSLSVADRPAVEIISRLSRRVEKGSLVADATSSNFGVAL
SAVARLYGYRARVYLPGAAEEFGKLLPRLLGAQVIVDPEAPSTVHLLPRVMKDSKNEGFVHVNQFYNDANFEAHMRGTAR
EIFVQSRRGGLALRGVAGSLGTSGHMSAAAFYLQSVDPSIRAVLVQPAQGDSIPGIRRVETGMLWINMLDISYTLAEVTL
EEAMEAVVEVARSDGLVIGPSGGAAVKALAKKAAEGDLEPGDYVVVVPDTGFKYLSLVQNALEGAGDSV
;
_entity_poly.pdbx_strand_id   A,B
#
# COMPACT_ATOMS: atom_id res chain seq x y z
N ALA A 2 -23.94 26.76 14.51
CA ALA A 2 -22.52 27.19 14.31
C ALA A 2 -21.62 25.95 14.45
N LEU A 3 -20.43 25.98 13.89
CA LEU A 3 -19.54 24.79 13.95
C LEU A 3 -18.30 25.04 14.82
N ALA A 4 -17.88 24.02 15.57
CA ALA A 4 -16.71 24.08 16.43
C ALA A 4 -15.93 22.83 16.13
N ASP A 5 -14.62 22.92 16.34
CA ASP A 5 -13.69 21.87 16.09
C ASP A 5 -13.93 20.80 17.15
N ILE A 6 -14.14 19.55 16.73
CA ILE A 6 -14.43 18.52 17.73
C ILE A 6 -13.21 18.14 18.59
N SER A 7 -12.00 18.40 18.09
CA SER A 7 -10.79 17.87 18.72
C SER A 7 -10.70 18.43 20.14
N GLY A 8 -11.26 19.63 20.31
CA GLY A 8 -11.50 20.20 21.63
C GLY A 8 -12.22 19.35 22.67
N TYR A 9 -13.10 18.41 22.27
CA TYR A 9 -14.06 17.79 23.19
C TYR A 9 -13.82 16.31 23.42
N LEU A 10 -12.63 15.83 23.06
CA LEU A 10 -12.33 14.41 22.96
C LEU A 10 -12.15 13.70 24.27
N ASP A 11 -12.21 14.44 25.39
CA ASP A 11 -12.35 13.78 26.70
C ASP A 11 -13.66 12.99 26.86
N VAL A 12 -14.65 13.21 26.01
CA VAL A 12 -15.83 12.33 26.09
C VAL A 12 -15.50 10.85 25.75
N LEU A 13 -14.43 10.69 24.97
CA LEU A 13 -13.86 9.35 24.66
C LEU A 13 -13.44 8.56 25.90
N ASP A 14 -12.82 9.25 26.84
N ASP A 14 -12.74 9.25 26.79
CA ASP A 14 -12.51 8.61 28.10
CA ASP A 14 -12.55 8.82 28.16
C ASP A 14 -13.62 8.66 29.23
C ASP A 14 -13.92 8.47 28.81
N SER A 15 -14.67 9.52 29.10
CA SER A 15 -15.82 9.45 30.02
C SER A 15 -17.13 8.75 29.59
N VAL A 16 -17.50 8.73 28.34
CA VAL A 16 -18.72 8.02 27.98
C VAL A 16 -18.45 6.52 28.05
N ARG A 17 -19.38 5.74 28.58
CA ARG A 17 -19.20 4.28 28.57
C ARG A 17 -20.45 3.70 27.95
N GLY A 18 -20.44 2.41 27.62
CA GLY A 18 -21.65 1.73 27.09
C GLY A 18 -21.97 2.02 25.61
N PHE A 19 -22.99 1.39 25.09
CA PHE A 19 -23.40 1.49 23.69
C PHE A 19 -24.66 2.35 23.49
N SER A 20 -25.19 2.92 24.58
CA SER A 20 -26.40 3.67 24.41
C SER A 20 -26.22 4.97 23.54
N TYR A 21 -25.04 5.60 23.56
CA TYR A 21 -24.72 6.72 22.66
C TYR A 21 -24.90 6.38 21.14
N LEU A 22 -24.81 5.08 20.80
CA LEU A 22 -24.92 4.62 19.42
C LEU A 22 -26.30 4.87 18.85
N GLU A 23 -27.31 5.12 19.71
CA GLU A 23 -28.64 5.55 19.25
C GLU A 23 -28.56 6.86 18.57
N ASN A 24 -27.75 7.75 19.11
CA ASN A 24 -27.56 9.04 18.50
C ASN A 24 -26.84 8.95 17.17
N ALA A 25 -25.85 8.05 17.12
CA ALA A 25 -25.04 7.84 15.90
C ALA A 25 -25.96 7.35 14.77
N ARG A 26 -26.80 6.36 15.10
CA ARG A 26 -27.78 5.83 14.16
C ARG A 26 -28.71 6.89 13.61
N GLU A 27 -29.31 7.71 14.49
N GLU A 27 -29.28 7.70 14.52
CA GLU A 27 -30.24 8.76 14.01
CA GLU A 27 -30.22 8.80 14.21
C GLU A 27 -29.59 9.86 13.19
C GLU A 27 -29.62 9.87 13.30
N VAL A 28 -28.41 10.30 13.59
CA VAL A 28 -27.73 11.30 12.75
C VAL A 28 -27.42 10.75 11.30
N LEU A 29 -26.98 9.50 11.25
CA LEU A 29 -26.69 8.87 9.97
C LEU A 29 -27.95 8.61 9.15
N ARG A 30 -29.03 8.16 9.82
CA ARG A 30 -30.33 8.01 9.17
C ARG A 30 -30.84 9.33 8.55
N SER A 31 -30.77 10.42 9.31
CA SER A 31 -31.41 11.67 8.88
C SER A 31 -30.43 12.58 8.06
N GLY A 32 -29.17 12.20 8.05
CA GLY A 32 -28.19 13.04 7.42
C GLY A 32 -27.91 14.39 8.07
N GLU A 33 -28.29 14.57 9.33
CA GLU A 33 -28.09 15.84 10.02
C GLU A 33 -28.11 15.69 11.54
N ALA A 34 -27.67 16.73 12.22
CA ALA A 34 -27.52 16.73 13.67
C ALA A 34 -27.93 18.05 14.24
N ARG A 35 -28.61 18.03 15.36
CA ARG A 35 -29.08 19.29 15.96
C ARG A 35 -27.91 19.96 16.68
N CYS A 36 -27.94 21.29 16.74
CA CYS A 36 -26.98 22.06 17.51
C CYS A 36 -27.17 21.78 18.99
N LEU A 37 -26.06 21.83 19.72
CA LEU A 37 -26.00 21.60 21.16
C LEU A 37 -25.79 22.95 21.78
N GLY A 38 -26.61 23.32 22.76
CA GLY A 38 -26.48 24.66 23.40
C GLY A 38 -25.26 24.58 24.29
N ASN A 39 -25.09 23.43 24.93
CA ASN A 39 -24.03 23.25 25.85
C ASN A 39 -23.49 21.87 25.51
N PRO A 40 -22.49 21.83 24.60
CA PRO A 40 -21.93 20.59 24.06
C PRO A 40 -21.34 19.75 25.18
N ARG A 41 -20.69 20.42 26.15
CA ARG A 41 -20.08 19.78 27.31
C ARG A 41 -21.12 19.02 28.12
N SER A 42 -22.38 19.42 27.98
CA SER A 42 -23.39 18.76 28.76
C SER A 42 -24.04 17.62 28.01
N GLU A 43 -23.66 17.37 26.76
CA GLU A 43 -24.24 16.19 26.12
C GLU A 43 -23.17 15.22 25.68
N PRO A 44 -22.50 14.57 26.65
CA PRO A 44 -21.32 13.88 26.12
C PRO A 44 -21.63 12.68 25.18
N GLU A 45 -22.84 12.09 25.26
CA GLU A 45 -23.21 10.92 24.39
C GLU A 45 -23.38 11.37 22.95
N TYR A 46 -23.97 12.54 22.79
CA TYR A 46 -24.11 13.10 21.47
C TYR A 46 -22.79 13.50 20.82
N VAL A 47 -21.88 14.05 21.58
CA VAL A 47 -20.60 14.35 21.06
C VAL A 47 -19.79 13.08 20.64
N LYS A 48 -19.71 12.08 21.53
CA LYS A 48 -19.10 10.79 21.20
C LYS A 48 -19.73 10.18 19.94
N ALA A 49 -21.04 10.26 19.79
CA ALA A 49 -21.68 9.69 18.61
C ALA A 49 -21.18 10.42 17.37
N LEU A 50 -21.02 11.75 17.39
CA LEU A 50 -20.50 12.45 16.23
C LEU A 50 -19.05 12.06 15.87
N TYR A 51 -18.19 11.92 16.88
CA TYR A 51 -16.81 11.50 16.65
C TYR A 51 -16.78 10.07 15.99
N VAL A 52 -17.60 9.21 16.54
CA VAL A 52 -17.60 7.81 16.13
C VAL A 52 -18.10 7.67 14.66
N ILE A 53 -19.01 8.54 14.18
CA ILE A 53 -19.38 8.46 12.75
C ILE A 53 -18.45 9.21 11.80
N GLY A 54 -17.51 9.99 12.34
CA GLY A 54 -16.43 10.58 11.57
C GLY A 54 -16.51 12.08 11.45
N ALA A 55 -17.33 12.72 12.31
CA ALA A 55 -17.44 14.20 12.29
C ALA A 55 -16.11 14.73 12.79
N SER A 56 -15.62 15.80 12.20
CA SER A 56 -14.51 16.56 12.76
C SER A 56 -14.97 17.90 13.37
N ARG A 57 -16.26 18.21 13.22
CA ARG A 57 -16.76 19.43 13.81
C ARG A 57 -18.10 19.11 14.54
N ILE A 58 -18.44 19.93 15.54
CA ILE A 58 -19.67 19.69 16.28
C ILE A 58 -20.55 20.88 16.06
N PRO A 59 -21.86 20.66 16.07
CA PRO A 59 -22.83 21.72 15.88
C PRO A 59 -23.17 22.33 17.24
N VAL A 60 -23.01 23.63 17.32
CA VAL A 60 -23.06 24.36 18.55
C VAL A 60 -24.13 25.50 18.39
N GLY A 61 -24.93 25.78 19.42
CA GLY A 61 -26.00 26.79 19.27
C GLY A 61 -27.44 26.33 19.57
N ASP A 62 -28.41 27.18 19.21
CA ASP A 62 -29.80 26.98 19.66
C ASP A 62 -30.84 26.81 18.57
N GLY A 63 -31.33 25.60 18.36
CA GLY A 63 -32.39 25.41 17.35
C GLY A 63 -31.88 25.06 15.94
N CYS A 64 -30.70 25.55 15.57
CA CYS A 64 -30.03 25.13 14.33
C CYS A 64 -29.68 23.60 14.25
N SER A 65 -29.39 23.18 13.01
CA SER A 65 -28.86 21.84 12.68
C SER A 65 -27.87 21.94 11.56
N HIS A 66 -27.10 20.88 11.40
CA HIS A 66 -26.01 20.88 10.44
C HIS A 66 -25.99 19.51 9.80
N THR A 67 -25.59 19.42 8.55
CA THR A 67 -25.57 18.18 7.80
C THR A 67 -24.26 17.44 8.07
N LEU A 68 -24.24 16.15 7.79
CA LEU A 68 -22.97 15.34 7.74
C LEU A 68 -21.83 16.03 7.00
N GLU A 69 -22.16 16.63 5.87
CA GLU A 69 -21.14 17.26 5.12
C GLU A 69 -20.58 18.44 5.90
N GLU A 70 -21.47 19.23 6.51
CA GLU A 70 -21.02 20.38 7.32
C GLU A 70 -20.19 19.99 8.52
N LEU A 71 -20.48 18.83 9.10
CA LEU A 71 -19.77 18.32 10.24
C LEU A 71 -18.44 17.61 9.92
N GLY A 72 -18.15 17.52 8.63
CA GLY A 72 -16.90 16.93 8.18
C GLY A 72 -16.89 15.43 8.04
N VAL A 73 -18.07 14.77 8.01
CA VAL A 73 -18.05 13.33 7.74
C VAL A 73 -17.46 13.05 6.36
N PHE A 74 -17.69 13.96 5.42
CA PHE A 74 -17.20 13.72 4.08
C PHE A 74 -15.96 14.51 3.74
N ASP A 75 -15.25 15.10 4.69
CA ASP A 75 -14.04 15.89 4.33
C ASP A 75 -13.01 14.95 3.64
N ILE A 76 -12.29 15.47 2.64
CA ILE A 76 -11.16 14.78 2.02
C ILE A 76 -9.96 14.97 2.96
N SER A 77 -9.38 13.90 3.44
CA SER A 77 -8.21 14.07 4.29
C SER A 77 -6.85 13.97 3.57
N VAL A 78 -6.80 13.19 2.49
CA VAL A 78 -5.54 12.85 1.80
C VAL A 78 -5.00 14.02 0.98
N PRO A 79 -3.72 14.46 1.21
CA PRO A 79 -3.05 15.46 0.29
C PRO A 79 -3.00 14.78 -1.13
N GLY A 80 -3.37 15.53 -2.19
CA GLY A 80 -3.38 14.97 -3.53
C GLY A 80 -1.99 14.40 -3.85
N GLU A 81 -0.94 15.05 -3.39
CA GLU A 81 0.38 14.66 -3.79
C GLU A 81 0.98 13.56 -2.92
N MET A 82 0.23 13.02 -1.93
CA MET A 82 0.71 11.87 -1.07
C MET A 82 2.05 12.12 -0.39
N VAL A 83 2.21 13.33 0.07
CA VAL A 83 3.36 13.68 0.91
C VAL A 83 2.92 13.88 2.39
N PHE A 84 3.68 13.32 3.37
CA PHE A 84 3.25 13.26 4.75
C PHE A 84 4.42 13.57 5.67
N PRO A 85 4.22 14.42 6.70
CA PRO A 85 5.33 14.86 7.57
C PRO A 85 5.77 13.75 8.54
N SER A 86 5.04 12.65 8.67
CA SER A 86 5.48 11.64 9.63
C SER A 86 4.60 10.40 9.41
N PRO A 87 5.07 9.26 9.89
CA PRO A 87 4.38 7.98 9.80
C PRO A 87 2.96 8.00 10.39
N LEU A 88 2.73 8.61 11.56
CA LEU A 88 1.38 8.62 12.11
C LEU A 88 0.49 9.56 11.31
N ASP A 89 1.03 10.68 10.85
CA ASP A 89 0.22 11.56 10.02
C ASP A 89 -0.16 10.83 8.69
N PHE A 90 0.77 9.99 8.17
CA PHE A 90 0.50 9.14 7.03
C PHE A 90 -0.66 8.16 7.35
N PHE A 91 -0.63 7.54 8.53
CA PHE A 91 -1.69 6.62 8.88
C PHE A 91 -3.06 7.33 8.91
N GLU A 92 -3.06 8.51 9.49
CA GLU A 92 -4.26 9.30 9.73
C GLU A 92 -4.84 9.98 8.49
N ARG A 93 -3.99 10.67 7.74
CA ARG A 93 -4.48 11.39 6.59
C ARG A 93 -4.49 10.57 5.28
N GLY A 94 -3.71 9.48 5.25
CA GLY A 94 -3.54 8.73 4.03
C GLY A 94 -4.71 7.76 3.98
N LYS A 95 -5.91 8.30 3.74
CA LYS A 95 -7.16 7.47 3.85
C LYS A 95 -8.13 8.10 2.91
N PRO A 96 -9.12 7.34 2.41
CA PRO A 96 -9.49 5.94 2.59
C PRO A 96 -8.49 5.01 2.02
N THR A 97 -8.51 3.78 2.50
CA THR A 97 -7.85 2.73 1.83
C THR A 97 -8.67 2.51 0.47
N PRO A 98 -7.98 1.98 -0.53
CA PRO A 98 -8.48 1.80 -1.88
C PRO A 98 -9.69 0.93 -1.92
N LEU A 99 -10.64 1.31 -2.76
CA LEU A 99 -11.75 0.43 -3.00
C LEU A 99 -11.73 0.17 -4.54
N VAL A 100 -11.57 -1.11 -4.95
CA VAL A 100 -11.19 -1.46 -6.30
C VAL A 100 -12.17 -2.47 -6.85
N ARG A 101 -12.78 -2.15 -7.97
CA ARG A 101 -13.68 -3.13 -8.59
C ARG A 101 -12.94 -4.34 -9.14
N SER A 102 -13.34 -5.53 -8.78
CA SER A 102 -12.70 -6.71 -9.25
C SER A 102 -13.19 -6.99 -10.69
N ARG A 103 -12.42 -7.75 -11.46
CA ARG A 103 -12.94 -8.28 -12.77
C ARG A 103 -13.74 -9.60 -12.62
N LEU A 104 -13.59 -10.27 -11.49
CA LEU A 104 -14.43 -11.39 -11.08
C LEU A 104 -15.92 -11.20 -11.33
N GLN A 105 -16.52 -12.17 -12.01
CA GLN A 105 -17.98 -12.11 -12.23
C GLN A 105 -18.65 -13.07 -11.28
N LEU A 106 -19.67 -12.57 -10.60
CA LEU A 106 -20.46 -13.36 -9.68
C LEU A 106 -21.86 -13.54 -10.25
N PRO A 107 -22.52 -14.68 -9.92
CA PRO A 107 -23.89 -14.97 -10.39
C PRO A 107 -24.88 -13.90 -9.95
N ASN A 108 -25.95 -13.72 -10.72
CA ASN A 108 -27.12 -12.93 -10.31
C ASN A 108 -26.93 -11.42 -10.09
N GLY A 109 -26.00 -10.82 -10.83
CA GLY A 109 -25.85 -9.34 -10.86
C GLY A 109 -25.07 -8.77 -9.66
N VAL A 110 -24.48 -9.63 -8.85
CA VAL A 110 -23.63 -9.21 -7.74
C VAL A 110 -22.30 -8.66 -8.25
N ARG A 111 -22.14 -7.33 -8.22
CA ARG A 111 -20.82 -6.73 -8.56
C ARG A 111 -19.85 -6.59 -7.35
N VAL A 112 -18.56 -7.00 -7.49
CA VAL A 112 -17.70 -7.11 -6.36
C VAL A 112 -16.64 -6.01 -6.34
N TRP A 113 -16.51 -5.34 -5.20
CA TRP A 113 -15.45 -4.32 -5.00
C TRP A 113 -14.61 -4.77 -3.78
N LEU A 114 -13.28 -4.66 -3.85
CA LEU A 114 -12.41 -5.07 -2.77
C LEU A 114 -11.85 -3.83 -2.09
N LYS A 115 -12.03 -3.79 -0.78
CA LYS A 115 -11.48 -2.72 0.02
C LYS A 115 -10.16 -3.26 0.55
N LEU A 116 -9.07 -2.60 0.16
CA LEU A 116 -7.76 -3.26 0.43
C LEU A 116 -7.12 -2.73 1.69
N GLU A 117 -7.40 -3.43 2.76
CA GLU A 117 -6.82 -3.05 4.05
C GLU A 117 -5.33 -3.29 4.25
N TRP A 118 -4.63 -3.96 3.30
CA TRP A 118 -3.16 -3.93 3.44
C TRP A 118 -2.51 -2.57 3.14
N TYR A 119 -3.29 -1.60 2.68
CA TYR A 119 -2.75 -0.27 2.44
C TYR A 119 -2.63 0.56 3.75
N ASN A 120 -2.46 -0.10 4.88
CA ASN A 120 -2.15 0.52 6.18
C ASN A 120 -0.70 0.32 6.47
N PRO A 121 0.02 1.38 6.87
CA PRO A 121 1.47 1.34 6.77
C PRO A 121 2.28 0.46 7.76
N PHE A 122 1.69 0.02 8.88
CA PHE A 122 2.46 -0.57 9.96
C PHE A 122 2.40 -2.13 9.92
N SER A 123 1.24 -2.71 9.87
CA SER A 123 1.16 -4.15 9.79
C SER A 123 0.66 -4.61 8.39
N LEU A 124 0.40 -3.66 7.44
CA LEU A 124 -0.09 -4.04 6.11
C LEU A 124 -1.35 -4.90 6.30
N SER A 125 -2.25 -4.36 7.14
CA SER A 125 -3.42 -5.02 7.56
C SER A 125 -4.38 -4.04 8.22
N VAL A 126 -5.63 -4.49 8.23
CA VAL A 126 -6.73 -3.76 8.87
C VAL A 126 -6.51 -3.55 10.43
N ALA A 127 -5.57 -4.29 11.07
CA ALA A 127 -5.34 -4.19 12.49
C ALA A 127 -4.55 -2.92 12.89
N ASP A 128 -3.98 -2.21 11.94
CA ASP A 128 -3.42 -0.89 12.25
C ASP A 128 -4.40 0.09 12.89
N ARG A 129 -5.63 0.07 12.44
CA ARG A 129 -6.63 1.01 12.82
C ARG A 129 -7.02 0.85 14.35
N PRO A 130 -7.36 -0.37 14.83
CA PRO A 130 -7.54 -0.41 16.29
C PRO A 130 -6.26 -0.16 17.03
N ALA A 131 -5.11 -0.57 16.53
CA ALA A 131 -3.84 -0.26 17.30
C ALA A 131 -3.69 1.20 17.50
N VAL A 132 -3.92 1.97 16.44
CA VAL A 132 -3.67 3.37 16.58
C VAL A 132 -4.66 3.99 17.57
N GLU A 133 -5.93 3.60 17.46
CA GLU A 133 -6.94 4.26 18.28
C GLU A 133 -6.73 3.83 19.79
N ILE A 134 -6.41 2.57 20.02
CA ILE A 134 -6.21 2.06 21.38
C ILE A 134 -5.00 2.75 22.05
N ILE A 135 -3.88 2.86 21.40
CA ILE A 135 -2.69 3.45 22.03
C ILE A 135 -2.91 4.97 22.19
N SER A 136 -3.53 5.59 21.20
CA SER A 136 -3.83 6.99 21.29
C SER A 136 -4.71 7.28 22.53
N ARG A 137 -5.70 6.45 22.80
CA ARG A 137 -6.57 6.76 23.90
C ARG A 137 -5.87 6.52 25.23
N LEU A 138 -4.81 5.77 25.19
CA LEU A 138 -4.24 5.40 26.41
C LEU A 138 -3.14 6.43 26.72
N SER A 139 -2.64 7.09 25.67
CA SER A 139 -1.50 8.01 25.78
C SER A 139 -1.84 9.23 26.68
N ARG A 140 -3.13 9.34 26.98
CA ARG A 140 -3.69 10.38 27.82
C ARG A 140 -3.45 10.12 29.31
N ARG A 141 -3.31 8.85 29.67
CA ARG A 141 -3.44 8.37 31.06
C ARG A 141 -2.43 7.36 31.47
N VAL A 142 -1.64 6.80 30.55
CA VAL A 142 -0.62 5.79 30.93
C VAL A 142 0.70 6.45 30.70
N GLU A 143 1.56 6.41 31.70
CA GLU A 143 2.89 7.03 31.57
C GLU A 143 3.82 6.38 30.47
N LYS A 144 4.59 7.21 29.77
CA LYS A 144 5.52 6.73 28.79
C LYS A 144 6.53 5.75 29.39
N GLY A 145 7.03 4.83 28.58
CA GLY A 145 7.90 3.79 29.07
C GLY A 145 7.08 2.62 29.59
N SER A 146 5.80 2.78 29.90
CA SER A 146 5.04 1.60 30.38
C SER A 146 4.98 0.49 29.33
N LEU A 147 4.74 -0.75 29.75
CA LEU A 147 4.57 -1.86 28.85
C LEU A 147 3.08 -2.06 28.45
N VAL A 148 2.79 -2.31 27.17
CA VAL A 148 1.45 -2.64 26.76
C VAL A 148 1.50 -4.03 26.17
N ALA A 149 0.42 -4.79 26.18
CA ALA A 149 0.47 -6.13 25.71
C ALA A 149 -0.85 -6.64 25.22
N ASP A 150 -0.82 -7.61 24.30
CA ASP A 150 -2.08 -8.35 24.00
C ASP A 150 -1.82 -9.70 23.36
N ALA A 151 -2.83 -10.56 23.35
CA ALA A 151 -2.88 -11.76 22.53
C ALA A 151 -3.20 -11.37 21.06
N THR A 152 -2.58 -12.00 20.07
CA THR A 152 -2.94 -11.72 18.68
C THR A 152 -2.76 -12.99 17.85
N SER A 153 -3.38 -13.03 16.67
CA SER A 153 -3.12 -14.08 15.67
C SER A 153 -1.87 -13.77 14.84
N SER A 154 -1.49 -12.45 14.78
CA SER A 154 -0.26 -11.98 14.17
C SER A 154 -0.36 -10.46 13.90
N ASN A 155 -1.36 -10.08 13.11
CA ASN A 155 -1.50 -8.69 12.63
C ASN A 155 -1.56 -7.59 13.69
N PHE A 156 -2.47 -7.80 14.66
CA PHE A 156 -2.65 -6.78 15.67
C PHE A 156 -1.35 -6.59 16.51
N GLY A 157 -0.62 -7.69 16.71
CA GLY A 157 0.63 -7.60 17.49
C GLY A 157 1.73 -6.82 16.79
N VAL A 158 1.82 -7.01 15.47
CA VAL A 158 2.68 -6.13 14.63
C VAL A 158 2.29 -4.65 14.72
N ALA A 159 0.99 -4.35 14.49
CA ALA A 159 0.47 -2.95 14.54
C ALA A 159 0.70 -2.35 15.93
N LEU A 160 0.30 -3.12 16.98
CA LEU A 160 0.64 -2.77 18.36
C LEU A 160 2.11 -2.42 18.59
N SER A 161 3.03 -3.31 18.17
CA SER A 161 4.49 -3.04 18.42
C SER A 161 4.97 -1.72 17.74
N ALA A 162 4.57 -1.54 16.48
CA ALA A 162 4.95 -0.31 15.75
C ALA A 162 4.33 0.89 16.42
N VAL A 163 3.04 0.78 16.70
CA VAL A 163 2.37 1.97 17.21
C VAL A 163 2.80 2.31 18.65
N ALA A 164 3.04 1.30 19.46
CA ALA A 164 3.40 1.60 20.85
C ALA A 164 4.76 2.28 20.87
N ARG A 165 5.66 1.79 20.05
CA ARG A 165 6.92 2.43 20.01
C ARG A 165 6.81 3.93 19.55
N LEU A 166 6.09 4.19 18.46
CA LEU A 166 5.86 5.58 18.03
C LEU A 166 5.28 6.50 19.14
N TYR A 167 4.52 5.96 20.08
CA TYR A 167 4.02 6.80 21.19
C TYR A 167 4.86 6.72 22.49
N GLY A 168 6.02 6.06 22.49
CA GLY A 168 6.81 5.99 23.74
C GLY A 168 6.56 4.79 24.68
N TYR A 169 5.84 3.78 24.25
CA TYR A 169 5.55 2.61 25.10
C TYR A 169 6.39 1.41 24.68
N ARG A 170 6.54 0.46 25.58
N ARG A 170 6.56 0.46 25.59
CA ARG A 170 7.13 -0.82 25.27
CA ARG A 170 7.15 -0.82 25.27
C ARG A 170 5.97 -1.74 24.92
C ARG A 170 5.98 -1.75 24.94
N ALA A 171 6.22 -2.85 24.24
CA ALA A 171 5.14 -3.78 23.84
C ALA A 171 5.59 -5.17 24.10
N ARG A 172 4.62 -6.04 24.33
CA ARG A 172 4.82 -7.44 24.44
C ARG A 172 3.64 -8.00 23.70
N VAL A 173 3.93 -9.03 22.91
CA VAL A 173 2.88 -9.70 22.17
C VAL A 173 2.81 -11.20 22.51
N TYR A 174 1.60 -11.75 22.63
CA TYR A 174 1.50 -13.18 22.86
C TYR A 174 0.82 -13.83 21.68
N LEU A 175 1.41 -14.94 21.21
CA LEU A 175 0.89 -15.64 20.09
C LEU A 175 0.75 -17.13 20.35
N PRO A 176 -0.26 -17.77 19.76
CA PRO A 176 -0.29 -19.26 19.64
C PRO A 176 0.80 -19.84 18.72
N GLY A 177 1.19 -21.09 18.94
CA GLY A 177 2.19 -21.77 18.10
C GLY A 177 1.82 -21.84 16.62
N ALA A 178 0.54 -21.93 16.26
CA ALA A 178 0.16 -21.95 14.83
C ALA A 178 0.17 -20.58 14.06
N ALA A 179 0.73 -19.53 14.66
CA ALA A 179 0.65 -18.18 14.07
C ALA A 179 1.69 -18.05 12.96
N GLU A 180 1.45 -17.20 11.98
CA GLU A 180 2.41 -17.00 10.91
C GLU A 180 3.72 -16.53 11.45
N GLU A 181 4.78 -16.82 10.71
CA GLU A 181 6.09 -16.40 11.11
C GLU A 181 6.23 -14.89 11.15
N PHE A 182 5.47 -14.13 10.33
CA PHE A 182 5.74 -12.70 10.30
C PHE A 182 5.29 -12.11 11.65
N GLY A 183 4.30 -12.78 12.23
CA GLY A 183 3.71 -12.39 13.54
C GLY A 183 4.71 -12.62 14.69
N LYS A 184 5.50 -13.68 14.61
CA LYS A 184 6.43 -13.97 15.66
C LYS A 184 7.67 -13.20 15.47
N LEU A 185 7.98 -12.77 14.23
CA LEU A 185 9.26 -12.13 14.01
C LEU A 185 9.23 -10.61 13.91
N LEU A 186 8.23 -10.06 13.22
CA LEU A 186 8.23 -8.65 12.96
C LEU A 186 8.09 -7.77 14.23
N PRO A 187 7.38 -8.28 15.29
CA PRO A 187 7.39 -7.46 16.48
C PRO A 187 8.77 -7.30 17.09
N ARG A 188 9.60 -8.35 17.07
CA ARG A 188 10.94 -8.13 17.56
C ARG A 188 11.71 -7.08 16.73
N LEU A 189 11.54 -7.13 15.40
CA LEU A 189 12.21 -6.15 14.56
C LEU A 189 11.83 -4.74 15.07
N LEU A 190 10.53 -4.61 15.36
CA LEU A 190 9.96 -3.35 15.83
C LEU A 190 10.22 -3.08 17.33
N GLY A 191 11.01 -3.94 18.03
CA GLY A 191 11.54 -3.71 19.41
C GLY A 191 10.64 -4.27 20.55
N ALA A 192 9.59 -5.03 20.20
CA ALA A 192 8.68 -5.61 21.19
C ALA A 192 9.17 -6.98 21.66
N GLN A 193 8.73 -7.42 22.85
CA GLN A 193 9.06 -8.75 23.33
C GLN A 193 7.98 -9.67 22.75
N VAL A 194 8.29 -10.94 22.50
CA VAL A 194 7.33 -11.83 21.86
C VAL A 194 7.25 -13.13 22.67
N ILE A 195 6.04 -13.61 22.93
CA ILE A 195 5.90 -14.83 23.73
C ILE A 195 5.04 -15.69 22.86
N VAL A 196 5.52 -16.88 22.56
CA VAL A 196 4.77 -17.81 21.72
C VAL A 196 4.40 -18.99 22.61
N ASP A 197 3.12 -19.35 22.64
CA ASP A 197 2.68 -20.56 23.31
C ASP A 197 2.40 -21.78 22.38
N PRO A 198 3.37 -22.70 22.26
CA PRO A 198 3.01 -23.84 21.39
C PRO A 198 1.79 -24.65 21.88
N GLU A 199 1.47 -24.57 23.17
CA GLU A 199 0.27 -25.29 23.63
C GLU A 199 -1.07 -24.62 23.26
N ALA A 200 -1.07 -23.30 23.02
CA ALA A 200 -2.35 -22.60 22.82
C ALA A 200 -3.01 -22.92 21.46
N PRO A 201 -4.25 -23.47 21.44
CA PRO A 201 -4.76 -23.79 20.09
C PRO A 201 -5.39 -22.61 19.29
N SER A 202 -5.56 -21.45 19.93
CA SER A 202 -6.22 -20.34 19.29
C SER A 202 -5.76 -19.12 20.04
N THR A 203 -6.03 -17.95 19.48
CA THR A 203 -5.62 -16.76 20.20
C THR A 203 -6.40 -16.40 21.46
N VAL A 204 -7.68 -16.71 21.48
CA VAL A 204 -8.47 -16.50 22.71
C VAL A 204 -8.01 -17.46 23.83
N HIS A 205 -7.53 -18.62 23.45
N HIS A 205 -7.52 -18.64 23.47
CA HIS A 205 -7.01 -19.55 24.44
CA HIS A 205 -6.95 -19.55 24.48
C HIS A 205 -5.82 -18.97 25.24
C HIS A 205 -5.97 -18.80 25.36
N LEU A 206 -5.24 -17.86 24.75
CA LEU A 206 -4.15 -17.23 25.45
C LEU A 206 -4.63 -16.16 26.42
N LEU A 207 -5.90 -15.74 26.34
CA LEU A 207 -6.30 -14.58 27.13
C LEU A 207 -6.10 -14.78 28.67
N PRO A 208 -6.40 -15.99 29.22
CA PRO A 208 -6.16 -16.19 30.68
C PRO A 208 -4.70 -15.94 31.08
N ARG A 209 -3.75 -16.45 30.31
CA ARG A 209 -2.34 -16.21 30.63
C ARG A 209 -1.98 -14.72 30.55
N VAL A 210 -2.53 -14.00 29.56
CA VAL A 210 -2.18 -12.57 29.40
C VAL A 210 -2.73 -11.84 30.63
N MET A 211 -3.95 -12.20 31.04
CA MET A 211 -4.55 -11.56 32.24
C MET A 211 -3.82 -11.85 33.54
N LYS A 212 -3.41 -13.12 33.72
CA LYS A 212 -2.66 -13.48 34.85
C LYS A 212 -1.35 -12.70 34.87
N ASP A 213 -0.55 -12.72 33.77
CA ASP A 213 0.74 -11.99 33.75
C ASP A 213 0.53 -10.50 34.00
N SER A 214 -0.57 -9.96 33.49
CA SER A 214 -0.94 -8.53 33.73
C SER A 214 -1.09 -8.17 35.23
N LYS A 215 -1.76 -9.04 35.98
CA LYS A 215 -1.85 -8.93 37.45
C LYS A 215 -0.50 -9.05 38.09
N ASN A 216 0.33 -10.01 37.67
CA ASN A 216 1.62 -10.12 38.27
C ASN A 216 2.60 -9.04 37.91
N GLU A 217 2.62 -8.63 36.63
CA GLU A 217 3.69 -7.68 36.25
C GLU A 217 3.19 -6.29 36.13
N GLY A 218 1.90 -6.07 36.02
CA GLY A 218 1.48 -4.68 36.01
C GLY A 218 1.55 -4.02 34.67
N PHE A 219 1.47 -4.82 33.60
CA PHE A 219 1.46 -4.16 32.28
C PHE A 219 0.02 -3.88 31.91
N VAL A 220 -0.22 -2.98 30.96
CA VAL A 220 -1.54 -2.68 30.47
C VAL A 220 -1.93 -3.70 29.37
N HIS A 221 -2.96 -4.46 29.65
CA HIS A 221 -3.48 -5.39 28.71
C HIS A 221 -4.51 -4.65 27.90
N VAL A 222 -4.18 -4.23 26.66
CA VAL A 222 -5.05 -3.36 25.85
C VAL A 222 -6.32 -4.11 25.35
N ASN A 223 -6.31 -5.44 25.34
CA ASN A 223 -7.50 -6.33 25.07
C ASN A 223 -8.35 -5.91 23.89
N GLN A 224 -7.85 -6.24 22.70
CA GLN A 224 -8.45 -5.80 21.45
C GLN A 224 -9.83 -6.52 21.34
N PHE A 225 -10.01 -7.65 22.06
CA PHE A 225 -11.31 -8.41 22.08
C PHE A 225 -12.47 -7.76 22.78
N TYR A 226 -12.11 -6.83 23.62
CA TYR A 226 -13.06 -6.26 24.54
C TYR A 226 -12.93 -4.71 24.56
N ASN A 227 -11.93 -4.14 23.92
CA ASN A 227 -11.74 -2.72 24.05
C ASN A 227 -12.59 -1.97 23.00
N ASP A 228 -13.44 -1.07 23.42
CA ASP A 228 -14.37 -0.49 22.49
C ASP A 228 -13.71 0.42 21.50
N ALA A 229 -12.52 0.94 21.82
CA ALA A 229 -11.73 1.66 20.81
C ALA A 229 -11.49 0.90 19.46
N ASN A 230 -11.43 -0.44 19.51
CA ASN A 230 -11.33 -1.24 18.33
C ASN A 230 -12.58 -0.95 17.46
N PHE A 231 -13.76 -1.20 18.00
CA PHE A 231 -15.00 -1.00 17.26
C PHE A 231 -15.11 0.50 16.81
N GLU A 232 -14.70 1.40 17.68
CA GLU A 232 -14.84 2.81 17.32
C GLU A 232 -13.85 3.23 16.22
N ALA A 233 -12.68 2.60 16.20
CA ALA A 233 -11.71 2.92 15.11
C ALA A 233 -12.30 2.58 13.74
N HIS A 234 -13.00 1.47 13.67
CA HIS A 234 -13.58 1.01 12.40
C HIS A 234 -14.80 1.78 12.06
N MET A 235 -15.53 2.29 13.05
CA MET A 235 -16.72 3.11 12.75
C MET A 235 -16.20 4.40 12.07
N ARG A 236 -15.20 5.06 12.64
CA ARG A 236 -14.77 6.35 12.05
C ARG A 236 -13.79 6.21 10.90
N GLY A 237 -13.15 5.03 10.75
CA GLY A 237 -12.34 4.69 9.62
C GLY A 237 -13.02 3.82 8.58
N THR A 238 -12.71 2.53 8.60
CA THR A 238 -13.28 1.53 7.69
C THR A 238 -14.72 1.75 7.19
N ALA A 239 -15.69 1.78 8.10
CA ALA A 239 -17.08 1.90 7.82
C ALA A 239 -17.47 3.24 7.25
N ARG A 240 -17.03 4.32 7.87
CA ARG A 240 -17.33 5.63 7.27
C ARG A 240 -16.77 5.74 5.83
N GLU A 241 -15.58 5.19 5.61
CA GLU A 241 -15.00 5.16 4.26
C GLU A 241 -15.91 4.37 3.24
N ILE A 242 -16.34 3.18 3.62
CA ILE A 242 -17.25 2.44 2.75
C ILE A 242 -18.47 3.30 2.40
N PHE A 243 -19.01 4.03 3.37
CA PHE A 243 -20.14 4.87 3.13
C PHE A 243 -19.75 5.95 2.14
N VAL A 244 -18.72 6.74 2.48
CA VAL A 244 -18.30 7.89 1.66
C VAL A 244 -17.85 7.42 0.26
N GLN A 245 -17.04 6.35 0.23
CA GLN A 245 -16.63 5.74 -1.04
C GLN A 245 -17.81 5.23 -1.89
N SER A 246 -18.79 4.55 -1.29
CA SER A 246 -20.03 4.21 -2.03
C SER A 246 -20.74 5.43 -2.62
N ARG A 247 -20.96 6.46 -1.84
CA ARG A 247 -21.62 7.67 -2.38
C ARG A 247 -20.85 8.35 -3.49
N ARG A 248 -19.67 8.88 -3.19
CA ARG A 248 -18.83 9.53 -4.19
C ARG A 248 -18.43 8.62 -5.33
N GLY A 249 -18.39 7.34 -5.10
CA GLY A 249 -18.09 6.43 -6.18
C GLY A 249 -19.25 6.17 -7.13
N GLY A 250 -20.46 6.59 -6.78
CA GLY A 250 -21.69 6.23 -7.50
C GLY A 250 -22.12 4.76 -7.42
N LEU A 251 -21.68 4.00 -6.42
CA LEU A 251 -22.08 2.59 -6.31
C LEU A 251 -23.54 2.45 -5.86
N ALA A 252 -24.20 1.34 -6.22
CA ALA A 252 -25.53 1.05 -5.65
C ALA A 252 -25.29 -0.01 -4.61
N LEU A 253 -24.87 0.48 -3.45
CA LEU A 253 -24.41 -0.40 -2.41
C LEU A 253 -25.51 -1.23 -1.84
N ARG A 254 -25.38 -2.53 -1.98
CA ARG A 254 -26.39 -3.39 -1.41
C ARG A 254 -25.86 -4.25 -0.28
N GLY A 255 -24.53 -4.32 -0.08
CA GLY A 255 -24.06 -5.15 1.02
C GLY A 255 -22.55 -5.14 1.21
N VAL A 256 -22.07 -5.69 2.32
CA VAL A 256 -20.62 -5.76 2.57
C VAL A 256 -20.35 -7.16 3.01
N ALA A 257 -19.16 -7.66 2.71
CA ALA A 257 -18.79 -8.98 3.16
C ALA A 257 -17.46 -8.97 3.89
N GLY A 258 -17.29 -9.83 4.86
CA GLY A 258 -16.04 -9.71 5.62
C GLY A 258 -15.91 -10.86 6.58
N SER A 259 -14.80 -10.90 7.28
CA SER A 259 -14.50 -11.99 8.17
C SER A 259 -14.39 -11.42 9.63
N LEU A 260 -14.38 -12.30 10.64
CA LEU A 260 -14.59 -11.96 12.08
C LEU A 260 -13.43 -12.46 12.88
N GLY A 261 -12.76 -11.53 13.55
CA GLY A 261 -11.72 -11.99 14.45
C GLY A 261 -12.17 -11.61 15.82
N THR A 262 -11.84 -10.38 16.21
CA THR A 262 -12.48 -9.76 17.36
C THR A 262 -13.92 -9.31 16.99
N SER A 263 -14.19 -9.17 15.71
CA SER A 263 -15.48 -8.71 15.12
C SER A 263 -15.59 -7.22 15.02
N GLY A 264 -14.50 -6.54 15.38
CA GLY A 264 -14.48 -5.06 15.34
C GLY A 264 -14.84 -4.44 13.97
N HIS A 265 -14.09 -4.81 12.92
CA HIS A 265 -14.31 -4.10 11.66
C HIS A 265 -15.63 -4.46 10.97
N MET A 266 -16.01 -5.75 10.93
CA MET A 266 -17.32 -6.05 10.36
C MET A 266 -18.54 -5.58 11.15
N SER A 267 -18.46 -5.58 12.47
CA SER A 267 -19.57 -4.88 13.24
C SER A 267 -19.70 -3.44 12.93
N ALA A 268 -18.57 -2.73 12.83
CA ALA A 268 -18.63 -1.35 12.54
C ALA A 268 -19.25 -1.13 11.15
N ALA A 269 -18.79 -1.96 10.19
CA ALA A 269 -19.25 -1.79 8.81
C ALA A 269 -20.75 -1.99 8.76
N ALA A 270 -21.22 -3.06 9.38
CA ALA A 270 -22.67 -3.38 9.30
C ALA A 270 -23.50 -2.38 10.09
N PHE A 271 -23.06 -2.04 11.29
CA PHE A 271 -23.79 -1.08 12.07
C PHE A 271 -23.93 0.28 11.39
N TYR A 272 -22.81 0.75 10.79
CA TYR A 272 -22.74 2.09 10.26
C TYR A 272 -23.68 2.16 9.00
N LEU A 273 -23.48 1.18 8.11
CA LEU A 273 -24.20 1.22 6.82
C LEU A 273 -25.68 0.95 7.04
N GLN A 274 -25.99 0.00 7.94
CA GLN A 274 -27.39 -0.28 8.30
C GLN A 274 -28.09 0.87 8.99
N SER A 275 -27.33 1.81 9.61
CA SER A 275 -27.94 3.03 10.08
C SER A 275 -28.35 3.88 8.94
N VAL A 276 -27.55 3.87 7.86
CA VAL A 276 -27.92 4.70 6.76
C VAL A 276 -29.02 3.99 6.01
N ASP A 277 -28.91 2.68 5.82
CA ASP A 277 -29.95 1.98 5.05
C ASP A 277 -30.02 0.57 5.53
N PRO A 278 -31.11 0.25 6.26
CA PRO A 278 -31.20 -1.01 7.02
C PRO A 278 -31.35 -2.22 6.15
N SER A 279 -31.66 -2.04 4.88
CA SER A 279 -31.65 -3.25 3.99
C SER A 279 -30.25 -3.70 3.48
N ILE A 280 -29.21 -2.90 3.71
CA ILE A 280 -27.87 -3.30 3.29
C ILE A 280 -27.47 -4.59 4.02
N ARG A 281 -27.07 -5.62 3.27
CA ARG A 281 -26.63 -6.88 3.87
C ARG A 281 -25.24 -6.83 4.45
N ALA A 282 -25.00 -7.69 5.42
CA ALA A 282 -23.68 -7.98 5.80
C ALA A 282 -23.52 -9.51 5.73
N VAL A 283 -22.68 -9.99 4.84
CA VAL A 283 -22.42 -11.40 4.70
C VAL A 283 -21.12 -11.73 5.37
N LEU A 284 -21.12 -12.66 6.34
CA LEU A 284 -19.98 -12.80 7.17
C LEU A 284 -19.52 -14.22 7.12
N VAL A 285 -18.20 -14.39 7.10
CA VAL A 285 -17.56 -15.71 6.99
C VAL A 285 -17.61 -16.47 8.32
N GLN A 286 -18.11 -17.73 8.28
CA GLN A 286 -17.90 -18.75 9.33
C GLN A 286 -16.83 -19.77 8.94
N PRO A 287 -15.61 -19.69 9.46
CA PRO A 287 -14.70 -20.78 9.06
C PRO A 287 -15.32 -22.19 9.38
N ALA A 288 -15.23 -23.17 8.46
CA ALA A 288 -15.82 -24.50 8.67
C ALA A 288 -15.15 -25.11 9.90
N GLN A 289 -15.93 -25.84 10.69
CA GLN A 289 -15.45 -26.46 11.94
C GLN A 289 -14.33 -27.40 11.59
N GLY A 290 -13.23 -27.35 12.33
CA GLY A 290 -12.05 -28.13 11.96
C GLY A 290 -11.01 -27.26 11.26
N ASP A 291 -11.47 -26.31 10.44
CA ASP A 291 -10.49 -25.54 9.66
C ASP A 291 -9.94 -24.35 10.38
N SER A 292 -8.68 -24.06 10.13
CA SER A 292 -8.11 -22.83 10.59
C SER A 292 -7.79 -21.89 9.43
N ILE A 293 -8.50 -20.77 9.37
CA ILE A 293 -8.16 -19.72 8.43
C ILE A 293 -7.52 -18.57 9.29
N PRO A 294 -6.22 -18.25 9.04
CA PRO A 294 -5.45 -17.29 9.88
C PRO A 294 -6.18 -15.98 10.06
N GLY A 295 -6.23 -15.51 11.32
CA GLY A 295 -6.76 -14.22 11.69
C GLY A 295 -8.21 -14.23 12.06
N ILE A 296 -8.88 -15.34 11.76
CA ILE A 296 -10.30 -15.34 11.96
C ILE A 296 -10.86 -16.54 12.69
N ARG A 297 -12.11 -16.43 13.10
CA ARG A 297 -12.70 -17.55 13.88
C ARG A 297 -14.20 -17.58 13.77
N ARG A 298 -14.76 -18.66 14.33
CA ARG A 298 -16.20 -18.90 14.36
C ARG A 298 -16.94 -17.97 15.33
N VAL A 299 -18.11 -17.48 14.95
CA VAL A 299 -18.95 -16.65 15.86
C VAL A 299 -19.15 -17.18 17.32
N GLU A 300 -19.70 -18.37 17.47
CA GLU A 300 -20.01 -18.88 18.84
C GLU A 300 -18.86 -18.81 19.88
N THR A 301 -17.60 -18.90 19.43
CA THR A 301 -16.37 -18.77 20.29
C THR A 301 -16.17 -17.44 21.07
N GLY A 302 -17.12 -16.51 20.98
CA GLY A 302 -17.12 -15.29 21.86
C GLY A 302 -16.68 -14.00 21.17
N MET A 303 -17.63 -13.19 20.75
CA MET A 303 -17.33 -11.94 20.01
C MET A 303 -18.19 -10.88 20.56
N LEU A 304 -17.58 -9.76 20.92
CA LEU A 304 -18.35 -8.72 21.58
C LEU A 304 -19.37 -7.99 20.64
N TRP A 305 -18.88 -7.13 19.72
CA TRP A 305 -19.79 -6.17 19.08
C TRP A 305 -20.88 -6.81 18.15
N ILE A 306 -20.47 -7.86 17.45
CA ILE A 306 -21.33 -8.58 16.50
C ILE A 306 -22.52 -9.11 17.31
N ASN A 307 -22.27 -9.54 18.53
CA ASN A 307 -23.32 -10.06 19.40
C ASN A 307 -24.18 -9.03 20.07
N MET A 308 -23.60 -7.93 20.54
CA MET A 308 -24.33 -7.05 21.41
C MET A 308 -25.06 -5.94 20.71
N LEU A 309 -24.68 -5.64 19.47
CA LEU A 309 -25.20 -4.48 18.77
C LEU A 309 -26.40 -4.91 17.92
N ASP A 310 -27.23 -3.95 17.60
CA ASP A 310 -28.38 -4.18 16.76
C ASP A 310 -27.98 -4.20 15.22
N ILE A 311 -27.54 -5.35 14.78
CA ILE A 311 -26.87 -5.54 13.48
C ILE A 311 -27.56 -6.76 12.82
N SER A 312 -27.93 -6.67 11.54
CA SER A 312 -28.34 -7.89 10.77
C SER A 312 -27.18 -8.46 10.01
N TYR A 313 -27.08 -9.79 10.00
CA TYR A 313 -26.05 -10.38 9.23
C TYR A 313 -26.51 -11.77 8.84
N THR A 314 -25.80 -12.36 7.88
CA THR A 314 -25.98 -13.70 7.41
C THR A 314 -24.62 -14.34 7.44
N LEU A 315 -24.57 -15.58 7.91
CA LEU A 315 -23.36 -16.34 7.91
C LEU A 315 -23.19 -17.22 6.66
N ALA A 316 -21.94 -17.54 6.30
CA ALA A 316 -21.65 -18.58 5.30
C ALA A 316 -20.47 -19.38 5.74
N GLU A 317 -20.56 -20.71 5.60
CA GLU A 317 -19.44 -21.60 5.99
C GLU A 317 -18.44 -21.69 4.86
N VAL A 318 -17.17 -21.58 5.18
CA VAL A 318 -16.17 -21.56 4.14
C VAL A 318 -15.04 -22.39 4.72
N THR A 319 -14.58 -23.38 3.96
CA THR A 319 -13.41 -24.15 4.39
C THR A 319 -12.13 -23.41 4.00
N LEU A 320 -10.99 -23.78 4.59
CA LEU A 320 -9.70 -23.17 4.26
C LEU A 320 -9.37 -23.41 2.79
N GLU A 321 -9.70 -24.60 2.31
CA GLU A 321 -9.52 -24.93 0.94
C GLU A 321 -10.27 -23.99 0.00
N GLU A 322 -11.54 -23.69 0.30
CA GLU A 322 -12.30 -22.71 -0.48
C GLU A 322 -11.69 -21.28 -0.37
N ALA A 323 -11.24 -20.91 0.82
CA ALA A 323 -10.67 -19.58 0.95
C ALA A 323 -9.48 -19.45 0.01
N MET A 324 -8.66 -20.50 -0.02
CA MET A 324 -7.47 -20.53 -0.84
C MET A 324 -7.77 -20.58 -2.34
N GLU A 325 -8.85 -21.28 -2.73
CA GLU A 325 -9.26 -21.27 -4.16
C GLU A 325 -9.71 -19.87 -4.56
N ALA A 326 -10.34 -19.16 -3.64
CA ALA A 326 -10.73 -17.77 -3.93
C ALA A 326 -9.48 -16.81 -3.98
N VAL A 327 -8.44 -17.09 -3.21
CA VAL A 327 -7.18 -16.33 -3.30
C VAL A 327 -6.65 -16.55 -4.72
N VAL A 328 -6.55 -17.82 -5.13
CA VAL A 328 -6.20 -18.16 -6.49
C VAL A 328 -7.04 -17.46 -7.57
N GLU A 329 -8.36 -17.44 -7.47
CA GLU A 329 -9.16 -16.81 -8.53
C GLU A 329 -8.98 -15.27 -8.61
N VAL A 330 -8.90 -14.61 -7.47
CA VAL A 330 -8.74 -13.18 -7.46
C VAL A 330 -7.40 -12.81 -8.04
N ALA A 331 -6.37 -13.56 -7.67
CA ALA A 331 -5.06 -13.28 -8.22
C ALA A 331 -5.04 -13.41 -9.77
N ARG A 332 -5.64 -14.47 -10.30
CA ARG A 332 -5.60 -14.73 -11.73
C ARG A 332 -6.51 -13.79 -12.47
N SER A 333 -7.48 -13.23 -11.76
CA SER A 333 -8.52 -12.44 -12.38
C SER A 333 -8.11 -10.96 -12.28
N ASP A 334 -7.59 -10.56 -11.12
CA ASP A 334 -7.31 -9.15 -10.84
C ASP A 334 -5.83 -8.84 -10.72
N GLY A 335 -4.98 -9.87 -10.68
CA GLY A 335 -3.57 -9.58 -10.42
C GLY A 335 -3.33 -9.04 -9.03
N LEU A 336 -4.32 -9.13 -8.13
CA LEU A 336 -4.07 -8.74 -6.68
C LEU A 336 -3.95 -9.96 -5.84
N VAL A 337 -2.98 -9.97 -4.94
CA VAL A 337 -2.75 -11.18 -4.13
C VAL A 337 -3.35 -11.00 -2.70
N ILE A 338 -4.52 -11.55 -2.40
CA ILE A 338 -5.18 -11.20 -1.06
C ILE A 338 -4.88 -12.30 -0.07
N GLY A 339 -5.06 -12.00 1.23
CA GLY A 339 -4.76 -13.04 2.26
C GLY A 339 -5.92 -14.02 2.40
N PRO A 340 -5.70 -15.08 3.16
CA PRO A 340 -6.68 -16.16 3.28
C PRO A 340 -8.04 -15.67 3.79
N SER A 341 -8.05 -14.75 4.75
CA SER A 341 -9.33 -14.24 5.28
C SER A 341 -10.09 -13.39 4.24
N GLY A 342 -9.31 -12.68 3.39
CA GLY A 342 -9.88 -11.98 2.25
C GLY A 342 -10.49 -12.97 1.22
N GLY A 343 -9.79 -14.09 0.94
CA GLY A 343 -10.38 -15.07 0.02
C GLY A 343 -11.62 -15.67 0.63
N ALA A 344 -11.57 -16.01 1.92
CA ALA A 344 -12.76 -16.46 2.63
C ALA A 344 -14.00 -15.51 2.47
N ALA A 345 -13.79 -14.22 2.60
CA ALA A 345 -14.93 -13.31 2.43
C ALA A 345 -15.40 -13.25 0.98
N VAL A 346 -14.48 -13.28 -0.01
CA VAL A 346 -14.94 -13.30 -1.43
C VAL A 346 -15.80 -14.58 -1.60
N LYS A 347 -15.34 -15.68 -1.00
CA LYS A 347 -16.01 -16.98 -1.20
C LYS A 347 -17.43 -16.96 -0.60
N ALA A 348 -17.55 -16.33 0.58
CA ALA A 348 -18.78 -16.23 1.29
C ALA A 348 -19.77 -15.44 0.49
N LEU A 349 -19.29 -14.33 -0.10
CA LEU A 349 -20.13 -13.51 -0.97
C LEU A 349 -20.54 -14.33 -2.24
N ALA A 350 -19.61 -15.06 -2.87
CA ALA A 350 -19.95 -15.86 -4.04
C ALA A 350 -21.02 -16.94 -3.76
N LYS A 351 -20.90 -17.67 -2.65
CA LYS A 351 -21.95 -18.59 -2.16
C LYS A 351 -23.33 -17.95 -2.04
N LYS A 352 -23.43 -16.85 -1.31
CA LYS A 352 -24.69 -16.15 -1.23
C LYS A 352 -25.20 -15.65 -2.58
N ALA A 353 -24.29 -15.30 -3.48
CA ALA A 353 -24.71 -14.82 -4.77
C ALA A 353 -25.36 -15.99 -5.57
N ALA A 354 -24.71 -17.15 -5.52
CA ALA A 354 -25.06 -18.37 -6.25
C ALA A 354 -26.41 -18.91 -5.81
N GLU A 355 -26.73 -18.80 -4.52
CA GLU A 355 -28.02 -19.21 -3.96
C GLU A 355 -29.18 -18.29 -4.28
N GLY A 356 -28.94 -17.16 -4.90
CA GLY A 356 -30.06 -16.24 -5.19
C GLY A 356 -30.53 -15.37 -4.03
N ASP A 357 -29.78 -15.44 -2.93
CA ASP A 357 -30.03 -14.64 -1.73
C ASP A 357 -29.85 -13.10 -1.87
N LEU A 358 -28.96 -12.68 -2.74
CA LEU A 358 -28.62 -11.26 -2.83
C LEU A 358 -29.22 -10.46 -3.97
N GLU A 359 -29.71 -9.27 -3.65
CA GLU A 359 -30.05 -8.26 -4.65
C GLU A 359 -28.91 -7.96 -5.66
N PRO A 360 -29.25 -7.69 -6.92
CA PRO A 360 -28.14 -7.27 -7.79
C PRO A 360 -27.74 -5.83 -7.42
N GLY A 361 -26.46 -5.56 -7.58
CA GLY A 361 -25.91 -4.28 -7.16
C GLY A 361 -24.45 -4.44 -6.78
N ASP A 362 -23.93 -3.41 -6.13
CA ASP A 362 -22.55 -3.34 -5.68
C ASP A 362 -22.38 -3.88 -4.24
N TYR A 363 -21.45 -4.83 -4.03
CA TYR A 363 -21.12 -5.35 -2.75
C TYR A 363 -19.63 -5.02 -2.48
N VAL A 364 -19.32 -4.61 -1.24
CA VAL A 364 -17.90 -4.33 -0.89
C VAL A 364 -17.34 -5.45 -0.08
N VAL A 365 -16.21 -6.06 -0.45
CA VAL A 365 -15.61 -7.08 0.36
C VAL A 365 -14.39 -6.44 1.09
N VAL A 366 -14.35 -6.53 2.43
CA VAL A 366 -13.17 -5.96 3.16
C VAL A 366 -12.11 -6.97 3.14
N VAL A 367 -10.97 -6.66 2.53
CA VAL A 367 -9.87 -7.66 2.44
C VAL A 367 -8.89 -7.24 3.55
N PRO A 368 -8.68 -8.11 4.55
CA PRO A 368 -7.93 -7.65 5.74
C PRO A 368 -6.43 -7.45 5.49
N ASP A 369 -5.83 -8.28 4.62
CA ASP A 369 -4.39 -8.18 4.43
C ASP A 369 -3.94 -8.80 3.08
N THR A 370 -2.64 -8.76 2.85
CA THR A 370 -2.04 -9.15 1.63
C THR A 370 -1.59 -10.60 1.75
N GLY A 371 -1.89 -11.36 0.69
CA GLY A 371 -1.43 -12.75 0.49
C GLY A 371 0.04 -12.98 0.49
N PHE A 372 0.84 -11.93 0.36
CA PHE A 372 2.29 -12.12 0.31
C PHE A 372 2.81 -12.70 1.62
N LYS A 373 2.03 -12.53 2.70
CA LYS A 373 2.44 -13.00 4.04
C LYS A 373 2.10 -14.48 4.33
N TYR A 374 1.52 -15.17 3.35
CA TYR A 374 1.04 -16.50 3.57
C TYR A 374 1.57 -17.49 2.55
N LEU A 375 2.88 -17.46 2.29
CA LEU A 375 3.48 -18.28 1.25
C LEU A 375 3.24 -19.81 1.47
N SER A 376 3.36 -20.34 2.71
CA SER A 376 3.14 -21.80 2.86
C SER A 376 1.75 -22.21 2.43
N LEU A 377 0.74 -21.37 2.70
CA LEU A 377 -0.63 -21.71 2.40
C LEU A 377 -0.84 -21.52 0.93
N VAL A 378 -0.11 -20.56 0.36
CA VAL A 378 -0.19 -20.37 -1.09
C VAL A 378 0.39 -21.66 -1.79
N GLN A 379 1.53 -22.15 -1.32
CA GLN A 379 2.14 -23.35 -1.88
C GLN A 379 1.24 -24.60 -1.78
N ASN A 380 0.56 -24.75 -0.65
CA ASN A 380 -0.43 -25.81 -0.43
C ASN A 380 -1.59 -25.72 -1.36
N ALA A 381 -2.12 -24.52 -1.55
CA ALA A 381 -3.20 -24.35 -2.49
C ALA A 381 -2.76 -24.61 -3.91
N LEU A 382 -1.50 -24.44 -4.24
CA LEU A 382 -1.07 -24.71 -5.63
C LEU A 382 -0.88 -26.23 -5.85
N GLU A 383 -0.39 -26.93 -4.81
CA GLU A 383 -0.82 -28.29 -4.28
C GLU A 383 0.10 -29.45 -4.43
N ALA B 2 -2.05 27.16 -27.71
CA ALA B 2 -3.30 26.40 -27.30
C ALA B 2 -2.86 25.04 -26.87
N LEU B 3 -3.74 24.26 -26.26
CA LEU B 3 -3.38 22.97 -25.67
C LEU B 3 -4.31 21.89 -26.21
N ALA B 4 -3.79 20.76 -26.63
CA ALA B 4 -4.63 19.66 -27.05
C ALA B 4 -4.23 18.43 -26.21
N ASP B 5 -5.20 17.50 -26.07
N ASP B 5 -5.18 17.53 -25.99
CA ASP B 5 -5.05 16.24 -25.34
CA ASP B 5 -4.92 16.41 -25.09
C ASP B 5 -3.86 15.52 -25.93
C ASP B 5 -4.03 15.41 -25.80
N ILE B 6 -2.96 15.01 -25.09
CA ILE B 6 -1.86 14.25 -25.65
C ILE B 6 -2.27 12.88 -26.11
N SER B 7 -3.39 12.35 -25.62
CA SER B 7 -3.82 10.99 -26.07
C SER B 7 -4.04 10.86 -27.57
N GLY B 8 -4.44 11.95 -28.23
CA GLY B 8 -4.58 11.85 -29.69
C GLY B 8 -3.24 11.85 -30.44
N TYR B 9 -2.12 11.83 -29.72
CA TYR B 9 -0.83 11.97 -30.36
C TYR B 9 0.07 10.79 -30.00
N LEU B 10 -0.44 9.83 -29.25
CA LEU B 10 0.41 8.78 -28.69
C LEU B 10 0.92 7.71 -29.66
N ASP B 11 0.52 7.77 -30.92
CA ASP B 11 1.19 6.90 -31.95
C ASP B 11 2.69 7.12 -32.09
N VAL B 12 3.17 8.31 -31.68
CA VAL B 12 4.61 8.48 -31.59
C VAL B 12 5.30 7.39 -30.76
N LEU B 13 4.65 6.80 -29.76
CA LEU B 13 5.33 5.79 -28.94
C LEU B 13 5.67 4.55 -29.73
N ASP B 14 4.79 4.22 -30.70
CA ASP B 14 5.10 3.14 -31.68
C ASP B 14 6.29 3.48 -32.60
N SER B 15 6.57 4.74 -32.86
CA SER B 15 7.57 4.93 -33.92
C SER B 15 8.89 5.61 -33.54
N VAL B 16 8.97 6.35 -32.42
CA VAL B 16 10.20 7.08 -32.10
C VAL B 16 11.18 6.05 -31.54
N ARG B 17 12.45 6.16 -31.92
CA ARG B 17 13.44 5.22 -31.45
C ARG B 17 14.63 6.11 -31.04
N GLY B 18 15.52 5.53 -30.29
CA GLY B 18 16.79 6.19 -29.85
C GLY B 18 16.57 7.19 -28.70
N PHE B 19 17.66 7.75 -28.24
CA PHE B 19 17.64 8.61 -27.08
C PHE B 19 17.67 10.09 -27.44
N SER B 20 17.71 10.47 -28.71
CA SER B 20 17.86 11.92 -29.04
C SER B 20 16.65 12.80 -28.56
N TYR B 21 15.46 12.20 -28.53
CA TYR B 21 14.24 12.84 -27.95
C TYR B 21 14.46 13.32 -26.51
N LEU B 22 15.35 12.68 -25.72
CA LEU B 22 15.54 13.04 -24.32
C LEU B 22 16.28 14.37 -24.21
N GLU B 23 16.93 14.80 -25.28
CA GLU B 23 17.43 16.16 -25.26
C GLU B 23 16.33 17.20 -25.11
N ASN B 24 15.17 16.97 -25.72
CA ASN B 24 14.09 17.91 -25.65
C ASN B 24 13.45 17.85 -24.26
N ALA B 25 13.34 16.62 -23.75
CA ALA B 25 12.83 16.41 -22.41
C ALA B 25 13.72 17.18 -21.39
N ARG B 26 15.05 17.04 -21.45
CA ARG B 26 15.86 17.77 -20.52
C ARG B 26 15.59 19.33 -20.65
N GLU B 27 15.48 19.81 -21.90
CA GLU B 27 15.33 21.25 -22.15
C GLU B 27 13.96 21.87 -21.68
N VAL B 28 12.87 21.14 -21.91
CA VAL B 28 11.54 21.54 -21.42
C VAL B 28 11.49 21.57 -19.85
N LEU B 29 12.10 20.55 -19.20
CA LEU B 29 12.28 20.46 -17.76
C LEU B 29 13.09 21.62 -17.24
N ARG B 30 14.23 21.93 -17.89
CA ARG B 30 15.10 22.98 -17.39
C ARG B 30 14.43 24.31 -17.55
N SER B 31 13.79 24.54 -18.69
CA SER B 31 13.21 25.85 -18.94
C SER B 31 11.82 25.97 -18.27
N GLY B 32 11.16 24.84 -17.98
CA GLY B 32 9.83 24.84 -17.39
C GLY B 32 8.74 25.19 -18.40
N GLU B 33 9.08 25.17 -19.68
CA GLU B 33 8.14 25.48 -20.79
C GLU B 33 8.44 24.71 -22.06
N ALA B 34 7.40 24.59 -22.86
CA ALA B 34 7.47 23.95 -24.15
C ALA B 34 6.81 24.87 -25.17
N ARG B 35 7.43 24.98 -26.34
N ARG B 35 7.44 24.98 -26.34
CA ARG B 35 6.97 25.87 -27.40
CA ARG B 35 6.97 25.86 -27.41
C ARG B 35 5.87 25.20 -28.24
C ARG B 35 5.87 25.18 -28.23
N CYS B 36 4.87 25.97 -28.63
CA CYS B 36 3.79 25.47 -29.48
C CYS B 36 4.33 24.90 -30.76
N LEU B 37 3.80 23.74 -31.14
CA LEU B 37 4.15 23.09 -32.38
C LEU B 37 3.09 23.48 -33.39
N GLY B 38 3.61 23.97 -34.53
CA GLY B 38 2.78 24.35 -35.69
C GLY B 38 1.98 23.14 -36.18
N ASN B 39 2.67 22.07 -36.56
CA ASN B 39 1.99 20.78 -36.58
C ASN B 39 2.79 19.69 -35.88
N PRO B 40 2.24 19.25 -34.76
CA PRO B 40 2.84 18.43 -33.74
C PRO B 40 3.22 17.09 -34.30
N ARG B 41 2.39 16.52 -35.15
CA ARG B 41 2.74 15.21 -35.73
C ARG B 41 3.96 15.19 -36.68
N SER B 42 4.49 16.34 -37.04
CA SER B 42 5.75 16.31 -37.74
C SER B 42 6.94 16.40 -36.79
N GLU B 43 6.71 16.60 -35.47
CA GLU B 43 7.83 16.47 -34.54
C GLU B 43 7.63 15.38 -33.49
N PRO B 44 7.72 14.09 -33.92
CA PRO B 44 7.36 12.99 -33.02
C PRO B 44 8.27 12.95 -31.80
N GLU B 45 9.51 13.37 -31.95
CA GLU B 45 10.51 13.38 -30.86
C GLU B 45 10.03 14.36 -29.75
N TYR B 46 9.42 15.47 -30.14
CA TYR B 46 8.98 16.47 -29.14
C TYR B 46 7.73 16.08 -28.39
N VAL B 47 6.75 15.48 -29.09
CA VAL B 47 5.64 14.83 -28.46
C VAL B 47 6.08 13.68 -27.46
N LYS B 48 6.97 12.80 -27.87
CA LYS B 48 7.45 11.81 -26.98
C LYS B 48 8.06 12.38 -25.71
N ALA B 49 8.94 13.37 -25.86
CA ALA B 49 9.62 13.96 -24.75
C ALA B 49 8.59 14.39 -23.72
N LEU B 50 7.50 15.03 -24.20
CA LEU B 50 6.49 15.64 -23.33
C LEU B 50 5.75 14.51 -22.60
N TYR B 51 5.51 13.42 -23.34
CA TYR B 51 4.87 12.28 -22.71
C TYR B 51 5.78 11.63 -21.64
N VAL B 52 7.03 11.42 -21.98
CA VAL B 52 7.98 10.84 -21.00
C VAL B 52 8.08 11.70 -19.73
N ILE B 53 7.95 13.02 -19.82
CA ILE B 53 8.05 13.82 -18.56
C ILE B 53 6.74 13.99 -17.77
N GLY B 54 5.66 13.38 -18.31
CA GLY B 54 4.33 13.31 -17.73
C GLY B 54 3.33 14.38 -18.11
N ALA B 55 3.50 15.05 -19.26
CA ALA B 55 2.50 16.00 -19.70
C ALA B 55 1.21 15.23 -20.14
N SER B 56 0.04 15.81 -19.90
CA SER B 56 -1.19 15.18 -20.41
C SER B 56 -1.69 16.04 -21.61
N ARG B 57 -0.97 17.12 -21.90
CA ARG B 57 -1.31 18.01 -23.00
C ARG B 57 -0.10 18.40 -23.82
N ILE B 58 -0.32 18.71 -25.09
CA ILE B 58 0.77 19.28 -25.90
C ILE B 58 0.43 20.69 -26.44
N PRO B 59 1.44 21.54 -26.61
CA PRO B 59 1.18 22.90 -27.10
C PRO B 59 1.09 22.96 -28.63
N VAL B 60 -0.01 23.49 -29.09
CA VAL B 60 -0.42 23.50 -30.51
C VAL B 60 -0.60 24.93 -30.97
N GLY B 61 -0.11 25.23 -32.16
CA GLY B 61 -0.32 26.57 -32.73
C GLY B 61 1.00 27.22 -33.12
N ASP B 62 0.97 28.51 -33.44
N ASP B 62 0.91 28.49 -33.49
CA ASP B 62 2.15 29.19 -34.01
CA ASP B 62 2.08 29.25 -33.91
C ASP B 62 2.59 30.47 -33.27
C ASP B 62 2.44 30.23 -32.80
N GLY B 63 3.74 30.39 -32.58
CA GLY B 63 4.25 31.49 -31.78
C GLY B 63 4.26 31.37 -30.24
N CYS B 64 3.33 30.57 -29.69
CA CYS B 64 3.05 30.51 -28.28
C CYS B 64 3.89 29.41 -27.57
N SER B 65 3.78 29.39 -26.24
CA SER B 65 4.49 28.45 -25.41
C SER B 65 3.73 28.28 -24.10
N HIS B 66 3.94 27.15 -23.43
CA HIS B 66 3.14 26.80 -22.27
C HIS B 66 4.02 26.18 -21.18
N THR B 67 3.63 26.35 -19.93
CA THR B 67 4.45 25.90 -18.81
C THR B 67 4.14 24.42 -18.54
N LEU B 68 5.03 23.81 -17.75
CA LEU B 68 4.82 22.44 -17.33
C LEU B 68 3.45 22.29 -16.63
N GLU B 69 3.07 23.33 -15.89
CA GLU B 69 1.78 23.37 -15.20
C GLU B 69 0.61 23.25 -16.17
N GLU B 70 0.59 24.17 -17.15
CA GLU B 70 -0.43 24.18 -18.18
C GLU B 70 -0.44 22.89 -18.96
N LEU B 71 0.72 22.22 -19.07
CA LEU B 71 0.87 20.99 -19.83
C LEU B 71 0.37 19.77 -19.08
N GLY B 72 0.09 19.96 -17.79
CA GLY B 72 -0.45 18.86 -16.97
C GLY B 72 0.61 18.07 -16.24
N VAL B 73 1.89 18.43 -16.38
CA VAL B 73 2.98 17.71 -15.68
C VAL B 73 2.74 17.62 -14.18
N PHE B 74 2.23 18.71 -13.59
CA PHE B 74 1.91 18.63 -12.13
C PHE B 74 0.56 17.98 -11.82
N ASP B 75 -0.16 17.52 -12.81
CA ASP B 75 -1.47 16.93 -12.56
C ASP B 75 -1.53 15.49 -12.14
N ILE B 76 -0.92 15.15 -11.04
CA ILE B 76 -0.85 13.77 -10.65
C ILE B 76 -1.29 13.92 -9.20
N SER B 77 -2.51 13.43 -8.95
CA SER B 77 -3.22 13.59 -7.67
C SER B 77 -3.94 12.29 -7.46
N VAL B 78 -3.76 11.71 -6.30
CA VAL B 78 -4.61 10.63 -5.93
C VAL B 78 -6.07 11.16 -5.81
N PRO B 79 -7.07 10.37 -6.23
CA PRO B 79 -8.47 10.78 -6.06
C PRO B 79 -8.84 10.81 -4.57
N GLY B 80 -9.59 11.85 -4.16
CA GLY B 80 -9.82 12.02 -2.76
C GLY B 80 -10.66 10.91 -2.10
N GLU B 81 -11.48 10.17 -2.85
CA GLU B 81 -12.31 9.09 -2.27
C GLU B 81 -11.67 7.71 -2.50
N MET B 82 -10.59 7.62 -3.30
CA MET B 82 -9.83 6.37 -3.49
C MET B 82 -10.70 5.21 -4.02
N VAL B 83 -11.52 5.48 -5.01
CA VAL B 83 -12.32 4.42 -5.67
C VAL B 83 -11.86 4.23 -7.12
N PHE B 84 -11.66 2.98 -7.53
CA PHE B 84 -11.02 2.70 -8.79
C PHE B 84 -11.86 1.66 -9.50
N PRO B 85 -12.34 1.99 -10.72
CA PRO B 85 -13.31 1.07 -11.40
C PRO B 85 -12.68 -0.21 -12.03
N SER B 86 -11.34 -0.37 -11.90
CA SER B 86 -10.71 -1.68 -12.26
C SER B 86 -9.33 -1.76 -11.67
N PRO B 87 -8.68 -2.97 -11.70
CA PRO B 87 -7.29 -3.01 -11.21
C PRO B 87 -6.26 -2.14 -11.96
N LEU B 88 -6.38 -2.03 -13.28
CA LEU B 88 -5.46 -1.18 -14.03
C LEU B 88 -5.76 0.26 -13.80
N ASP B 89 -7.04 0.60 -13.68
CA ASP B 89 -7.31 1.99 -13.32
C ASP B 89 -6.67 2.34 -11.92
N PHE B 90 -6.71 1.35 -11.00
CA PHE B 90 -6.03 1.49 -9.67
C PHE B 90 -4.54 1.70 -9.85
N PHE B 91 -3.89 0.81 -10.58
CA PHE B 91 -2.46 1.05 -10.87
C PHE B 91 -2.16 2.45 -11.37
N GLU B 92 -2.97 2.93 -12.29
CA GLU B 92 -2.73 4.25 -12.90
C GLU B 92 -3.06 5.43 -12.01
N ARG B 93 -4.20 5.40 -11.33
CA ARG B 93 -4.72 6.57 -10.64
C ARG B 93 -4.35 6.53 -9.13
N GLY B 94 -3.89 5.41 -8.61
CA GLY B 94 -3.60 5.32 -7.14
C GLY B 94 -2.14 5.75 -6.92
N LYS B 95 -1.83 6.96 -7.34
CA LYS B 95 -0.46 7.52 -7.44
C LYS B 95 -0.61 9.03 -7.18
N PRO B 96 0.42 9.69 -6.69
CA PRO B 96 1.75 9.06 -6.39
C PRO B 96 1.80 7.99 -5.29
N THR B 97 2.90 7.22 -5.28
CA THR B 97 3.16 6.43 -4.09
C THR B 97 3.62 7.38 -2.95
N PRO B 98 3.43 6.98 -1.67
CA PRO B 98 3.63 7.89 -0.56
C PRO B 98 5.03 8.31 -0.43
N LEU B 99 5.17 9.59 -0.11
CA LEU B 99 6.44 10.16 0.31
C LEU B 99 6.34 10.54 1.82
N VAL B 100 7.14 9.90 2.70
CA VAL B 100 6.93 10.05 4.10
C VAL B 100 8.22 10.51 4.76
N ARG B 101 8.16 11.61 5.50
CA ARG B 101 9.34 12.09 6.28
C ARG B 101 9.73 11.09 7.38
N SER B 102 10.98 10.64 7.39
CA SER B 102 11.44 9.78 8.45
C SER B 102 11.93 10.64 9.68
N ARG B 103 11.93 10.01 10.84
CA ARG B 103 12.55 10.53 12.05
C ARG B 103 14.00 10.20 12.24
N LEU B 104 14.56 9.40 11.34
CA LEU B 104 15.95 9.10 11.39
C LEU B 104 16.80 10.35 11.36
N GLN B 105 17.79 10.39 12.24
CA GLN B 105 18.70 11.50 12.41
C GLN B 105 19.98 11.31 11.62
N LEU B 106 20.16 12.05 10.54
CA LEU B 106 21.42 11.91 9.86
C LEU B 106 22.27 13.12 10.18
N PRO B 107 23.60 12.98 10.11
CA PRO B 107 24.44 14.14 10.35
C PRO B 107 24.28 15.21 9.29
N ASN B 108 24.55 16.42 9.68
CA ASN B 108 24.82 17.46 8.72
C ASN B 108 23.61 18.02 7.97
N GLY B 109 22.47 18.02 8.63
CA GLY B 109 21.26 18.65 8.11
C GLY B 109 20.64 17.87 6.95
N VAL B 110 21.02 16.60 6.78
CA VAL B 110 20.41 15.78 5.74
C VAL B 110 19.09 15.19 6.24
N ARG B 111 17.96 15.70 5.75
CA ARG B 111 16.65 15.24 6.20
C ARG B 111 16.16 14.11 5.24
N VAL B 112 15.62 13.03 5.79
CA VAL B 112 15.26 11.87 5.01
C VAL B 112 13.77 11.73 4.82
N TRP B 113 13.34 11.50 3.56
CA TRP B 113 11.97 11.11 3.21
C TRP B 113 12.04 9.77 2.50
N LEU B 114 11.06 8.91 2.74
CA LEU B 114 11.01 7.61 2.14
C LEU B 114 9.87 7.52 1.13
N LYS B 115 10.16 7.08 -0.11
CA LYS B 115 9.12 6.93 -1.11
C LYS B 115 8.86 5.46 -1.14
N LEU B 116 7.61 5.11 -0.80
CA LEU B 116 7.28 3.73 -0.47
C LEU B 116 6.71 3.01 -1.69
N GLU B 117 7.61 2.39 -2.49
CA GLU B 117 7.20 1.78 -3.77
C GLU B 117 6.47 0.49 -3.54
N TRP B 118 6.33 0.02 -2.28
CA TRP B 118 5.55 -1.17 -2.10
C TRP B 118 4.04 -0.86 -2.19
N TYR B 119 3.72 0.42 -2.37
CA TYR B 119 2.33 0.86 -2.62
C TYR B 119 1.84 0.53 -4.05
N ASN B 120 2.71 0.02 -4.89
CA ASN B 120 2.27 -0.56 -6.15
C ASN B 120 1.54 -1.85 -5.95
N PRO B 121 0.41 -2.05 -6.64
CA PRO B 121 -0.54 -3.05 -6.20
C PRO B 121 -0.34 -4.49 -6.55
N PHE B 122 0.51 -4.80 -7.51
CA PHE B 122 0.64 -6.16 -8.07
C PHE B 122 1.75 -6.92 -7.37
N SER B 123 2.98 -6.40 -7.44
CA SER B 123 4.17 -7.04 -6.88
C SER B 123 4.60 -6.40 -5.55
N LEU B 124 3.90 -5.35 -5.09
CA LEU B 124 4.21 -4.61 -3.87
C LEU B 124 5.66 -4.15 -4.00
N SER B 125 6.02 -3.64 -5.17
CA SER B 125 7.36 -3.14 -5.38
C SER B 125 7.38 -2.20 -6.54
N VAL B 126 8.51 -1.55 -6.64
CA VAL B 126 8.79 -0.60 -7.72
C VAL B 126 8.74 -1.22 -9.15
N ALA B 127 8.87 -2.57 -9.24
CA ALA B 127 8.85 -3.28 -10.53
C ALA B 127 7.51 -3.34 -11.25
N ASP B 128 6.41 -2.99 -10.59
CA ASP B 128 5.12 -2.92 -11.26
C ASP B 128 5.19 -1.90 -12.38
N ARG B 129 5.97 -0.84 -12.17
CA ARG B 129 5.83 0.26 -13.08
C ARG B 129 6.38 -0.13 -14.49
N PRO B 130 7.62 -0.73 -14.58
CA PRO B 130 8.07 -1.07 -15.91
C PRO B 130 7.21 -2.20 -16.46
N ALA B 131 6.62 -3.06 -15.64
CA ALA B 131 5.84 -4.23 -16.17
C ALA B 131 4.64 -3.69 -16.89
N VAL B 132 3.98 -2.71 -16.28
CA VAL B 132 2.79 -2.18 -16.89
C VAL B 132 3.17 -1.39 -18.16
N GLU B 133 4.20 -0.49 -18.16
CA GLU B 133 4.55 0.26 -19.37
C GLU B 133 4.94 -0.74 -20.52
N ILE B 134 5.74 -1.76 -20.17
CA ILE B 134 6.24 -2.73 -21.12
C ILE B 134 5.09 -3.49 -21.81
N ILE B 135 4.14 -3.99 -21.06
CA ILE B 135 3.08 -4.78 -21.65
C ILE B 135 2.09 -3.89 -22.37
N SER B 136 1.75 -2.70 -21.84
CA SER B 136 0.70 -1.91 -22.54
C SER B 136 1.23 -1.54 -23.93
N ARG B 137 2.52 -1.22 -23.98
CA ARG B 137 3.21 -0.76 -25.17
C ARG B 137 3.25 -1.87 -26.24
N LEU B 138 3.25 -3.11 -25.80
CA LEU B 138 3.31 -4.18 -26.68
C LEU B 138 1.89 -4.72 -26.99
N SER B 139 0.89 -4.17 -26.32
CA SER B 139 -0.43 -4.81 -26.34
C SER B 139 -1.26 -4.59 -27.62
N ARG B 140 -0.86 -3.69 -28.48
CA ARG B 140 -1.64 -3.59 -29.71
C ARG B 140 -0.83 -4.18 -30.89
N ARG B 141 0.47 -4.45 -30.69
CA ARG B 141 1.29 -5.20 -31.63
C ARG B 141 1.46 -6.76 -31.44
N VAL B 142 1.31 -7.32 -30.22
CA VAL B 142 1.52 -8.76 -30.01
C VAL B 142 0.19 -9.41 -29.78
N GLU B 143 -0.07 -10.53 -30.46
CA GLU B 143 -1.39 -11.15 -30.38
C GLU B 143 -1.64 -11.70 -28.98
N LYS B 144 -2.87 -11.55 -28.53
CA LYS B 144 -3.30 -12.06 -27.22
C LYS B 144 -3.07 -13.54 -27.16
N GLY B 145 -2.76 -14.09 -25.99
CA GLY B 145 -2.55 -15.54 -25.88
C GLY B 145 -1.08 -15.82 -26.08
N SER B 146 -0.32 -14.87 -26.64
CA SER B 146 1.15 -15.05 -26.75
C SER B 146 1.88 -15.15 -25.38
N LEU B 147 3.00 -15.86 -25.37
CA LEU B 147 3.74 -16.01 -24.12
C LEU B 147 4.76 -14.85 -24.05
N VAL B 148 4.83 -14.17 -22.87
CA VAL B 148 5.90 -13.17 -22.59
C VAL B 148 6.76 -13.66 -21.40
N ALA B 149 8.01 -13.23 -21.34
CA ALA B 149 8.99 -13.84 -20.42
C ALA B 149 10.15 -12.92 -20.11
N ASP B 150 10.79 -13.15 -18.94
CA ASP B 150 12.05 -12.48 -18.67
C ASP B 150 12.78 -13.16 -17.60
N ALA B 151 14.01 -12.69 -17.35
CA ALA B 151 14.80 -13.11 -16.19
C ALA B 151 14.49 -12.10 -15.11
N THR B 152 14.48 -12.56 -13.87
CA THR B 152 14.18 -11.67 -12.75
C THR B 152 14.86 -12.11 -11.45
N SER B 153 15.06 -11.16 -10.50
CA SER B 153 15.57 -11.53 -9.15
C SER B 153 14.40 -11.90 -8.25
N SER B 154 13.17 -11.57 -8.69
CA SER B 154 11.90 -11.88 -7.98
C SER B 154 10.79 -10.88 -8.32
N ASN B 155 11.03 -9.59 -8.05
CA ASN B 155 9.91 -8.64 -8.17
C ASN B 155 9.32 -8.45 -9.57
N PHE B 156 10.22 -8.35 -10.56
CA PHE B 156 9.73 -8.06 -11.90
C PHE B 156 8.98 -9.29 -12.40
N GLY B 157 9.38 -10.48 -11.98
CA GLY B 157 8.66 -11.67 -12.47
C GLY B 157 7.24 -11.69 -11.93
N VAL B 158 7.07 -11.28 -10.66
CA VAL B 158 5.73 -11.26 -10.12
C VAL B 158 4.87 -10.21 -10.82
N ALA B 159 5.45 -9.02 -11.01
CA ALA B 159 4.70 -7.87 -11.65
C ALA B 159 4.38 -8.27 -13.07
N LEU B 160 5.39 -8.87 -13.73
CA LEU B 160 5.15 -9.32 -15.10
C LEU B 160 3.98 -10.33 -15.12
N SER B 161 3.97 -11.28 -14.19
CA SER B 161 2.89 -12.30 -14.19
C SER B 161 1.49 -11.75 -13.95
N ALA B 162 1.42 -10.75 -13.08
CA ALA B 162 0.15 -10.06 -12.78
C ALA B 162 -0.33 -9.25 -13.98
N VAL B 163 0.56 -8.41 -14.47
CA VAL B 163 0.19 -7.53 -15.60
C VAL B 163 -0.17 -8.37 -16.87
N ALA B 164 0.58 -9.45 -17.12
CA ALA B 164 0.21 -10.37 -18.19
C ALA B 164 -1.23 -10.80 -18.13
N ARG B 165 -1.74 -11.10 -16.94
CA ARG B 165 -3.18 -11.48 -16.78
C ARG B 165 -4.08 -10.30 -17.09
N LEU B 166 -3.64 -9.08 -16.83
CA LEU B 166 -4.60 -8.02 -17.03
C LEU B 166 -4.69 -7.61 -18.53
N TYR B 167 -3.74 -8.10 -19.31
CA TYR B 167 -3.70 -7.71 -20.70
C TYR B 167 -3.89 -8.87 -21.67
N GLY B 168 -4.03 -10.12 -21.18
CA GLY B 168 -4.37 -11.26 -22.06
C GLY B 168 -3.18 -12.11 -22.55
N TYR B 169 -2.05 -12.12 -21.81
CA TYR B 169 -0.86 -12.83 -22.20
C TYR B 169 -0.62 -13.86 -21.18
N ARG B 170 0.20 -14.86 -21.53
CA ARG B 170 0.69 -15.89 -20.64
C ARG B 170 2.09 -15.47 -20.33
N ALA B 171 2.62 -15.87 -19.18
CA ALA B 171 3.86 -15.31 -18.73
C ALA B 171 4.79 -16.48 -18.34
N ARG B 172 6.09 -16.28 -18.41
CA ARG B 172 6.99 -17.30 -17.92
C ARG B 172 8.15 -16.54 -17.22
N VAL B 173 8.60 -16.94 -16.03
CA VAL B 173 9.69 -16.16 -15.43
C VAL B 173 10.84 -17.07 -15.16
N TYR B 174 12.05 -16.51 -15.28
CA TYR B 174 13.28 -17.25 -15.07
C TYR B 174 13.99 -16.58 -13.90
N LEU B 175 14.39 -17.39 -12.91
CA LEU B 175 14.97 -16.94 -11.69
C LEU B 175 16.22 -17.77 -11.40
N PRO B 176 17.19 -17.11 -10.82
CA PRO B 176 18.33 -17.84 -10.29
C PRO B 176 17.96 -18.62 -9.00
N GLY B 177 18.65 -19.74 -8.74
CA GLY B 177 18.47 -20.51 -7.47
C GLY B 177 18.48 -19.62 -6.21
N ALA B 178 19.26 -18.55 -6.18
CA ALA B 178 19.32 -17.68 -4.97
C ALA B 178 18.17 -16.60 -4.79
N ALA B 179 17.24 -16.54 -5.72
CA ALA B 179 16.09 -15.67 -5.51
C ALA B 179 15.24 -16.02 -4.30
N GLU B 180 14.53 -15.01 -3.81
CA GLU B 180 13.66 -15.23 -2.69
C GLU B 180 12.53 -16.12 -3.14
N GLU B 181 11.92 -16.80 -2.17
CA GLU B 181 10.89 -17.77 -2.37
C GLU B 181 9.59 -17.16 -2.86
N PHE B 182 9.29 -15.91 -2.46
CA PHE B 182 8.05 -15.32 -3.00
C PHE B 182 8.13 -15.22 -4.58
N GLY B 183 9.37 -14.94 -5.06
CA GLY B 183 9.75 -14.81 -6.47
C GLY B 183 9.45 -16.10 -7.23
N LYS B 184 9.72 -17.23 -6.59
CA LYS B 184 9.53 -18.56 -7.20
C LYS B 184 8.11 -19.01 -7.12
N LEU B 185 7.37 -18.52 -6.14
CA LEU B 185 6.03 -19.05 -5.92
C LEU B 185 4.88 -18.17 -6.42
N LEU B 186 4.98 -16.87 -6.17
CA LEU B 186 3.81 -16.03 -6.49
C LEU B 186 3.48 -15.94 -8.01
N PRO B 187 4.52 -16.03 -8.88
CA PRO B 187 4.15 -16.10 -10.29
C PRO B 187 3.27 -17.33 -10.60
N ARG B 188 3.50 -18.49 -9.99
CA ARG B 188 2.56 -19.64 -10.16
C ARG B 188 1.19 -19.33 -9.66
N LEU B 189 1.10 -18.64 -8.54
CA LEU B 189 -0.22 -18.21 -8.07
C LEU B 189 -0.96 -17.40 -9.13
N LEU B 190 -0.20 -16.51 -9.76
CA LEU B 190 -0.73 -15.61 -10.80
C LEU B 190 -0.94 -16.29 -12.14
N GLY B 191 -0.66 -17.60 -12.20
CA GLY B 191 -0.88 -18.37 -13.42
C GLY B 191 0.31 -18.47 -14.37
N ALA B 192 1.52 -18.03 -13.99
CA ALA B 192 2.68 -18.00 -14.85
C ALA B 192 3.45 -19.33 -14.74
N GLN B 193 4.26 -19.67 -15.77
CA GLN B 193 5.26 -20.73 -15.70
C GLN B 193 6.52 -20.20 -15.02
N VAL B 194 7.21 -21.05 -14.25
CA VAL B 194 8.39 -20.53 -13.48
C VAL B 194 9.55 -21.48 -13.73
N ILE B 195 10.71 -20.97 -14.09
CA ILE B 195 11.86 -21.83 -14.29
C ILE B 195 12.95 -21.29 -13.38
N VAL B 196 13.48 -22.14 -12.51
CA VAL B 196 14.55 -21.70 -11.61
C VAL B 196 15.86 -22.36 -12.05
N ASP B 197 16.94 -21.59 -12.21
CA ASP B 197 18.23 -22.24 -12.51
C ASP B 197 19.14 -22.33 -11.29
N PRO B 198 19.22 -23.53 -10.63
CA PRO B 198 19.95 -23.64 -9.36
C PRO B 198 21.39 -23.18 -9.56
N GLU B 199 21.85 -23.20 -10.80
CA GLU B 199 23.23 -22.98 -11.20
C GLU B 199 23.59 -21.52 -11.40
N ALA B 200 22.61 -20.74 -11.86
CA ALA B 200 22.85 -19.37 -12.26
C ALA B 200 23.16 -18.52 -11.05
N PRO B 201 24.31 -17.87 -11.07
CA PRO B 201 24.70 -17.11 -9.87
C PRO B 201 24.16 -15.66 -9.79
N SER B 202 23.36 -15.23 -10.75
CA SER B 202 22.78 -13.89 -10.76
C SER B 202 21.71 -13.91 -11.82
N THR B 203 20.86 -12.92 -11.75
CA THR B 203 19.80 -12.74 -12.75
C THR B 203 20.40 -12.53 -14.13
N VAL B 204 21.46 -11.70 -14.28
CA VAL B 204 21.93 -11.43 -15.68
C VAL B 204 22.55 -12.66 -16.37
N HIS B 205 23.15 -13.54 -15.57
N HIS B 205 23.16 -13.53 -15.56
CA HIS B 205 23.64 -14.84 -16.07
CA HIS B 205 23.62 -14.86 -16.03
C HIS B 205 22.57 -15.69 -16.73
C HIS B 205 22.57 -15.55 -16.85
N LEU B 206 21.29 -15.36 -16.50
CA LEU B 206 20.20 -16.10 -17.15
C LEU B 206 19.86 -15.57 -18.52
N LEU B 207 20.29 -14.34 -18.81
CA LEU B 207 19.79 -13.69 -20.07
C LEU B 207 20.09 -14.56 -21.35
N PRO B 208 21.32 -15.15 -21.48
CA PRO B 208 21.56 -15.97 -22.70
C PRO B 208 20.63 -17.16 -22.84
N ARG B 209 20.31 -17.86 -21.77
CA ARG B 209 19.29 -18.89 -21.90
C ARG B 209 17.88 -18.36 -22.26
N VAL B 210 17.55 -17.18 -21.75
CA VAL B 210 16.15 -16.75 -21.97
C VAL B 210 16.06 -16.41 -23.47
N MET B 211 17.08 -15.69 -23.97
CA MET B 211 17.23 -15.35 -25.42
C MET B 211 17.16 -16.56 -26.35
N LYS B 212 17.89 -17.60 -25.94
CA LYS B 212 17.84 -18.85 -26.66
C LYS B 212 16.49 -19.55 -26.65
N ASP B 213 15.85 -19.74 -25.50
CA ASP B 213 14.49 -20.32 -25.51
C ASP B 213 13.52 -19.42 -26.26
N SER B 214 13.76 -18.12 -26.24
CA SER B 214 12.83 -17.24 -26.99
C SER B 214 12.90 -17.48 -28.53
N LYS B 215 14.12 -17.54 -29.07
CA LYS B 215 14.31 -17.96 -30.48
C LYS B 215 13.73 -19.30 -30.80
N ASN B 216 13.81 -20.25 -29.87
CA ASN B 216 13.31 -21.58 -30.11
C ASN B 216 11.83 -21.70 -30.05
N GLU B 217 11.26 -21.17 -28.97
CA GLU B 217 9.85 -21.36 -28.71
C GLU B 217 9.03 -20.25 -29.26
N GLY B 218 9.65 -19.13 -29.56
CA GLY B 218 8.87 -18.02 -30.09
C GLY B 218 8.08 -17.17 -29.09
N PHE B 219 8.56 -17.11 -27.85
CA PHE B 219 7.96 -16.17 -26.95
C PHE B 219 8.64 -14.78 -27.07
N VAL B 220 7.99 -13.79 -26.52
CA VAL B 220 8.50 -12.42 -26.54
C VAL B 220 9.32 -12.23 -25.28
N HIS B 221 10.62 -12.06 -25.41
CA HIS B 221 11.47 -11.77 -24.28
C HIS B 221 11.40 -10.26 -24.04
N VAL B 222 10.80 -9.83 -22.91
CA VAL B 222 10.45 -8.39 -22.77
C VAL B 222 11.70 -7.63 -22.34
N ASN B 223 12.71 -8.38 -21.94
CA ASN B 223 14.01 -7.83 -21.55
C ASN B 223 14.02 -6.47 -20.83
N GLN B 224 13.84 -6.51 -19.52
CA GLN B 224 13.70 -5.28 -18.72
C GLN B 224 15.07 -4.62 -18.63
N PHE B 225 16.15 -5.39 -18.89
CA PHE B 225 17.49 -4.84 -18.86
C PHE B 225 17.76 -3.93 -20.05
N TYR B 226 16.98 -4.08 -21.11
CA TYR B 226 17.33 -3.38 -22.35
C TYR B 226 16.16 -2.60 -22.94
N ASN B 227 14.97 -2.81 -22.40
CA ASN B 227 13.79 -2.30 -23.03
C ASN B 227 13.57 -0.85 -22.58
N ASP B 228 13.61 0.12 -23.49
CA ASP B 228 13.44 1.49 -23.02
C ASP B 228 12.11 1.83 -22.30
N ALA B 229 11.07 1.01 -22.47
CA ALA B 229 9.86 1.31 -21.74
C ALA B 229 10.08 1.14 -20.18
N ASN B 230 11.12 0.44 -19.76
CA ASN B 230 11.49 0.42 -18.34
C ASN B 230 11.88 1.87 -17.89
N PHE B 231 12.89 2.45 -18.48
CA PHE B 231 13.30 3.81 -18.11
C PHE B 231 12.13 4.84 -18.30
N GLU B 232 11.44 4.79 -19.42
CA GLU B 232 10.27 5.66 -19.62
C GLU B 232 9.16 5.55 -18.56
N ALA B 233 8.94 4.33 -18.07
CA ALA B 233 7.89 4.18 -17.04
C ALA B 233 8.29 4.94 -15.81
N HIS B 234 9.59 5.00 -15.50
CA HIS B 234 10.03 5.56 -14.25
C HIS B 234 10.20 7.07 -14.41
N MET B 235 10.40 7.52 -15.66
CA MET B 235 10.41 8.97 -15.96
C MET B 235 9.03 9.53 -15.74
N ARG B 236 8.00 8.89 -16.30
CA ARG B 236 6.69 9.41 -16.13
C ARG B 236 6.05 9.06 -14.81
N GLY B 237 6.50 8.01 -14.12
CA GLY B 237 5.93 7.63 -12.82
C GLY B 237 6.85 8.11 -11.71
N THR B 238 7.69 7.22 -11.22
CA THR B 238 8.54 7.54 -10.11
C THR B 238 9.25 8.90 -10.12
N ALA B 239 9.93 9.26 -11.22
CA ALA B 239 10.79 10.45 -11.22
C ALA B 239 9.95 11.69 -11.23
N ARG B 240 9.00 11.72 -12.11
CA ARG B 240 8.04 12.85 -12.16
C ARG B 240 7.32 13.01 -10.78
N GLU B 241 6.91 11.86 -10.19
CA GLU B 241 6.30 11.94 -8.84
C GLU B 241 7.24 12.59 -7.83
N ILE B 242 8.48 12.14 -7.75
CA ILE B 242 9.40 12.76 -6.82
C ILE B 242 9.45 14.26 -7.10
N PHE B 243 9.52 14.65 -8.37
CA PHE B 243 9.55 16.11 -8.71
C PHE B 243 8.31 16.89 -8.22
N VAL B 244 7.14 16.38 -8.61
CA VAL B 244 5.85 16.98 -8.23
C VAL B 244 5.62 16.98 -6.69
N GLN B 245 6.02 15.86 -6.07
CA GLN B 245 5.81 15.69 -4.62
C GLN B 245 6.73 16.74 -3.93
N SER B 246 7.96 16.92 -4.42
CA SER B 246 8.93 17.83 -3.80
C SER B 246 8.42 19.27 -3.91
N ARG B 247 7.91 19.65 -5.09
CA ARG B 247 7.28 20.97 -5.27
C ARG B 247 6.08 21.21 -4.32
N ARG B 248 5.03 20.41 -4.44
CA ARG B 248 3.81 20.60 -3.72
C ARG B 248 4.00 20.35 -2.22
N GLY B 249 4.87 19.40 -1.88
CA GLY B 249 5.05 19.09 -0.51
C GLY B 249 5.89 20.13 0.18
N GLY B 250 6.48 21.07 -0.55
CA GLY B 250 7.39 22.06 0.06
C GLY B 250 8.77 21.55 0.47
N LEU B 251 9.25 20.43 -0.10
CA LEU B 251 10.62 20.01 0.17
C LEU B 251 11.64 20.92 -0.55
N ALA B 252 12.78 21.16 0.08
CA ALA B 252 13.94 21.76 -0.56
C ALA B 252 14.78 20.55 -1.00
N LEU B 253 14.35 19.93 -2.13
CA LEU B 253 14.96 18.71 -2.65
C LEU B 253 16.45 18.89 -3.07
N ARG B 254 17.36 18.26 -2.39
CA ARG B 254 18.77 18.40 -2.76
C ARG B 254 19.39 17.12 -3.30
N GLY B 255 18.70 15.98 -3.17
CA GLY B 255 19.14 14.76 -3.81
C GLY B 255 18.18 13.59 -3.64
N VAL B 256 18.42 12.51 -4.37
CA VAL B 256 17.69 11.30 -4.15
C VAL B 256 18.70 10.20 -3.93
N ALA B 257 18.32 9.10 -3.27
CA ALA B 257 19.23 7.95 -3.04
C ALA B 257 18.46 6.71 -3.46
N GLY B 258 19.16 5.67 -3.96
CA GLY B 258 18.41 4.54 -4.48
C GLY B 258 19.38 3.47 -4.89
N SER B 259 18.83 2.36 -5.33
CA SER B 259 19.66 1.23 -5.65
C SER B 259 19.50 0.89 -7.14
N LEU B 260 20.28 -0.10 -7.58
CA LEU B 260 20.40 -0.42 -8.99
C LEU B 260 20.32 -1.91 -9.24
N GLY B 261 19.33 -2.23 -10.08
CA GLY B 261 19.12 -3.55 -10.69
C GLY B 261 19.29 -3.40 -12.22
N THR B 262 18.20 -3.07 -12.96
CA THR B 262 18.33 -2.71 -14.36
C THR B 262 18.94 -1.32 -14.50
N SER B 263 18.90 -0.56 -13.40
CA SER B 263 19.23 0.90 -13.30
C SER B 263 18.05 1.71 -13.81
N GLY B 264 16.95 1.07 -14.16
CA GLY B 264 15.79 1.81 -14.61
C GLY B 264 15.31 2.99 -13.74
N HIS B 265 15.03 2.72 -12.46
CA HIS B 265 14.38 3.76 -11.68
C HIS B 265 15.28 4.86 -11.24
N MET B 266 16.53 4.54 -10.85
CA MET B 266 17.41 5.61 -10.44
C MET B 266 18.00 6.38 -11.62
N SER B 267 18.05 5.79 -12.82
CA SER B 267 18.51 6.57 -13.98
C SER B 267 17.51 7.66 -14.29
N ALA B 268 16.24 7.27 -14.26
CA ALA B 268 15.11 8.19 -14.48
C ALA B 268 15.09 9.27 -13.41
N ALA B 269 15.18 8.86 -12.16
CA ALA B 269 15.05 9.84 -11.11
C ALA B 269 16.17 10.84 -11.33
N ALA B 270 17.39 10.35 -11.53
CA ALA B 270 18.54 11.29 -11.67
C ALA B 270 18.45 12.19 -12.96
N PHE B 271 18.09 11.58 -14.08
CA PHE B 271 17.96 12.29 -15.36
C PHE B 271 16.92 13.38 -15.27
N TYR B 272 15.73 13.03 -14.74
CA TYR B 272 14.60 13.95 -14.65
C TYR B 272 15.01 15.11 -13.72
N LEU B 273 15.47 14.77 -12.54
CA LEU B 273 15.64 15.86 -11.54
C LEU B 273 16.84 16.73 -11.82
N GLN B 274 17.90 16.09 -12.33
CA GLN B 274 19.11 16.86 -12.86
C GLN B 274 18.85 17.78 -14.04
N SER B 275 17.82 17.49 -14.82
CA SER B 275 17.36 18.43 -15.88
C SER B 275 16.73 19.67 -15.28
N VAL B 276 15.91 19.50 -14.27
CA VAL B 276 15.35 20.64 -13.57
C VAL B 276 16.50 21.36 -12.85
N ASP B 277 17.34 20.63 -12.13
CA ASP B 277 18.38 21.32 -11.35
C ASP B 277 19.59 20.42 -11.25
N PRO B 278 20.67 20.72 -12.03
CA PRO B 278 21.84 19.84 -12.08
C PRO B 278 22.61 19.69 -10.79
N SER B 279 22.34 20.53 -9.81
CA SER B 279 23.01 20.32 -8.52
C SER B 279 22.29 19.26 -7.66
N ILE B 280 21.11 18.74 -8.07
CA ILE B 280 20.51 17.65 -7.31
C ILE B 280 21.43 16.37 -7.36
N ARG B 281 21.75 15.74 -6.22
CA ARG B 281 22.66 14.58 -6.19
C ARG B 281 21.89 13.29 -6.40
N ALA B 282 22.55 12.30 -6.96
CA ALA B 282 22.01 10.94 -6.98
C ALA B 282 22.97 10.05 -6.26
N VAL B 283 22.58 9.59 -5.08
CA VAL B 283 23.46 8.77 -4.30
C VAL B 283 23.05 7.31 -4.51
N LEU B 284 23.95 6.49 -5.03
CA LEU B 284 23.54 5.15 -5.46
C LEU B 284 24.28 4.08 -4.69
N VAL B 285 23.63 2.94 -4.43
CA VAL B 285 24.18 1.87 -3.60
C VAL B 285 25.00 0.98 -4.53
N GLN B 286 26.22 0.64 -4.08
CA GLN B 286 27.02 -0.48 -4.61
C GLN B 286 27.06 -1.63 -3.60
N PRO B 287 26.39 -2.75 -3.86
CA PRO B 287 26.51 -3.85 -2.91
C PRO B 287 27.98 -4.20 -2.79
N ALA B 288 28.52 -4.31 -1.57
CA ALA B 288 29.97 -4.55 -1.42
C ALA B 288 30.41 -5.83 -2.15
N GLN B 289 31.66 -5.85 -2.61
N GLN B 289 31.62 -5.85 -2.73
CA GLN B 289 32.32 -7.03 -3.19
CA GLN B 289 32.10 -6.99 -3.53
C GLN B 289 31.90 -8.32 -2.51
C GLN B 289 32.05 -8.29 -2.71
N GLY B 290 31.37 -9.28 -3.26
CA GLY B 290 31.04 -10.58 -2.67
C GLY B 290 29.82 -10.64 -1.76
N ASP B 291 29.11 -9.51 -1.56
CA ASP B 291 27.85 -9.56 -0.84
C ASP B 291 26.78 -9.66 -1.84
N SER B 292 25.65 -10.23 -1.44
CA SER B 292 24.48 -10.13 -2.31
C SER B 292 23.23 -9.52 -1.59
N ILE B 293 22.72 -8.44 -2.16
CA ILE B 293 21.54 -7.76 -1.63
C ILE B 293 20.39 -8.04 -2.63
N PRO B 294 19.31 -8.63 -2.14
CA PRO B 294 18.29 -9.06 -3.07
C PRO B 294 17.83 -7.90 -4.01
N GLY B 295 17.90 -8.16 -5.31
CA GLY B 295 17.23 -7.33 -6.28
C GLY B 295 18.15 -6.29 -6.85
N ILE B 296 19.34 -6.19 -6.27
CA ILE B 296 20.26 -5.22 -6.76
C ILE B 296 21.67 -5.79 -7.13
N ARG B 297 22.51 -4.97 -7.74
CA ARG B 297 23.78 -5.46 -8.26
C ARG B 297 24.74 -4.29 -8.43
N ARG B 298 26.02 -4.62 -8.60
CA ARG B 298 27.07 -3.60 -8.80
C ARG B 298 27.01 -3.02 -10.24
N VAL B 299 27.21 -1.71 -10.41
CA VAL B 299 27.32 -1.11 -11.76
C VAL B 299 28.17 -1.95 -12.77
N GLU B 300 29.34 -2.44 -12.31
CA GLU B 300 30.17 -3.31 -13.19
C GLU B 300 29.48 -4.47 -13.96
N THR B 301 28.41 -5.06 -13.45
CA THR B 301 27.87 -6.24 -14.14
C THR B 301 27.16 -5.89 -15.44
N GLY B 302 27.04 -4.59 -15.76
CA GLY B 302 26.46 -4.16 -17.07
C GLY B 302 25.05 -3.53 -17.03
N MET B 303 24.95 -2.20 -17.22
CA MET B 303 23.68 -1.49 -17.04
C MET B 303 23.47 -0.41 -18.12
N LEU B 304 22.26 -0.39 -18.68
CA LEU B 304 22.02 0.39 -19.87
C LEU B 304 21.98 1.92 -19.55
N TRP B 305 20.90 2.42 -18.92
CA TRP B 305 20.63 3.88 -18.92
C TRP B 305 21.59 4.68 -18.05
N ILE B 306 22.05 4.07 -16.95
CA ILE B 306 22.97 4.74 -16.06
C ILE B 306 24.26 5.14 -16.78
N ASN B 307 24.75 4.27 -17.68
CA ASN B 307 25.93 4.49 -18.54
C ASN B 307 25.68 5.33 -19.79
N MET B 308 24.57 5.16 -20.50
CA MET B 308 24.44 5.94 -21.71
C MET B 308 23.99 7.37 -21.53
N LEU B 309 23.29 7.67 -20.44
CA LEU B 309 22.65 8.98 -20.31
C LEU B 309 23.57 9.92 -19.57
N ASP B 310 23.41 11.21 -19.84
CA ASP B 310 24.17 12.29 -19.17
C ASP B 310 23.57 12.58 -17.75
N ILE B 311 24.06 11.84 -16.76
CA ILE B 311 23.56 11.79 -15.39
C ILE B 311 24.79 11.84 -14.46
N SER B 312 24.81 12.71 -13.43
CA SER B 312 25.89 12.63 -12.41
C SER B 312 25.41 11.72 -11.28
N TYR B 313 26.33 11.00 -10.67
CA TYR B 313 25.94 10.19 -9.53
C TYR B 313 27.14 9.94 -8.68
N THR B 314 26.92 9.63 -7.41
CA THR B 314 27.99 9.15 -6.53
C THR B 314 27.62 7.72 -6.16
N LEU B 315 28.61 6.84 -6.05
CA LEU B 315 28.39 5.49 -5.51
C LEU B 315 28.77 5.43 -4.02
N ALA B 316 28.09 4.57 -3.26
CA ALA B 316 28.54 4.30 -1.91
C ALA B 316 28.51 2.79 -1.77
N GLU B 317 29.58 2.25 -1.21
CA GLU B 317 29.68 0.78 -1.03
C GLU B 317 28.86 0.41 0.22
N VAL B 318 28.03 -0.64 0.15
CA VAL B 318 27.22 -1.09 1.28
C VAL B 318 27.18 -2.62 1.42
N THR B 319 27.49 -3.14 2.61
CA THR B 319 27.41 -4.58 2.80
C THR B 319 25.95 -5.01 3.05
N LEU B 320 25.61 -6.28 2.82
CA LEU B 320 24.33 -6.84 3.28
C LEU B 320 24.02 -6.45 4.74
N GLU B 321 25.00 -6.71 5.64
CA GLU B 321 24.72 -6.47 7.03
C GLU B 321 24.54 -4.99 7.39
N GLU B 322 25.23 -4.09 6.73
CA GLU B 322 24.91 -2.68 6.86
C GLU B 322 23.49 -2.34 6.31
N ALA B 323 23.08 -3.01 5.23
CA ALA B 323 21.77 -2.62 4.63
C ALA B 323 20.69 -3.02 5.66
N MET B 324 20.83 -4.21 6.22
CA MET B 324 19.98 -4.72 7.27
C MET B 324 20.00 -3.91 8.63
N GLU B 325 21.15 -3.38 9.11
CA GLU B 325 21.14 -2.44 10.26
C GLU B 325 20.24 -1.23 9.98
N ALA B 326 20.28 -0.72 8.78
CA ALA B 326 19.37 0.39 8.41
C ALA B 326 17.88 -0.06 8.35
N VAL B 327 17.61 -1.28 7.88
CA VAL B 327 16.29 -1.83 8.05
C VAL B 327 15.83 -1.71 9.54
N VAL B 328 16.70 -2.18 10.45
CA VAL B 328 16.37 -2.16 11.85
C VAL B 328 16.18 -0.74 12.33
N GLU B 329 17.09 0.15 12.01
CA GLU B 329 16.91 1.53 12.50
C GLU B 329 15.62 2.16 12.03
N VAL B 330 15.32 1.96 10.76
CA VAL B 330 14.07 2.59 10.24
C VAL B 330 12.85 2.00 10.93
N ALA B 331 12.78 0.68 11.08
CA ALA B 331 11.70 -0.01 11.79
C ALA B 331 11.52 0.57 13.20
N ARG B 332 12.62 0.73 13.95
CA ARG B 332 12.66 1.31 15.34
C ARG B 332 12.49 2.84 15.45
N SER B 333 12.79 3.56 14.41
CA SER B 333 12.55 4.99 14.44
C SER B 333 11.17 5.36 13.86
N ASP B 334 10.71 4.65 12.84
CA ASP B 334 9.57 5.09 12.10
C ASP B 334 8.44 4.11 12.14
N GLY B 335 8.76 2.87 12.49
CA GLY B 335 7.67 1.91 12.51
C GLY B 335 7.30 1.32 11.17
N LEU B 336 8.09 1.60 10.16
CA LEU B 336 7.93 1.05 8.82
C LEU B 336 8.99 -0.02 8.59
N VAL B 337 8.56 -1.12 8.02
CA VAL B 337 9.46 -2.21 7.66
C VAL B 337 9.80 -2.17 6.14
N ILE B 338 10.98 -1.66 5.81
CA ILE B 338 11.45 -1.51 4.42
C ILE B 338 12.34 -2.71 4.02
N GLY B 339 12.47 -2.96 2.71
CA GLY B 339 13.28 -4.13 2.20
C GLY B 339 14.77 -3.87 2.27
N PRO B 340 15.62 -4.94 2.10
CA PRO B 340 17.10 -4.84 2.07
C PRO B 340 17.58 -3.78 1.12
N SER B 341 17.10 -3.78 -0.12
CA SER B 341 17.58 -2.69 -1.04
C SER B 341 17.19 -1.31 -0.56
N GLY B 342 16.05 -1.17 0.11
CA GLY B 342 15.69 0.23 0.66
C GLY B 342 16.64 0.58 1.85
N GLY B 343 16.95 -0.44 2.66
CA GLY B 343 17.93 -0.27 3.79
C GLY B 343 19.26 0.14 3.20
N ALA B 344 19.67 -0.50 2.10
CA ALA B 344 20.95 -0.18 1.53
C ALA B 344 20.98 1.31 1.09
N ALA B 345 19.89 1.75 0.50
CA ALA B 345 19.87 3.12 -0.03
C ALA B 345 19.93 4.10 1.13
N VAL B 346 19.17 3.82 2.21
CA VAL B 346 19.19 4.71 3.36
C VAL B 346 20.62 4.71 3.90
N LYS B 347 21.22 3.51 4.04
CA LYS B 347 22.63 3.45 4.46
C LYS B 347 23.57 4.33 3.60
N ALA B 348 23.38 4.23 2.28
CA ALA B 348 24.26 4.92 1.33
C ALA B 348 24.16 6.45 1.55
N LEU B 349 22.93 6.89 1.75
CA LEU B 349 22.73 8.29 2.04
C LEU B 349 23.41 8.71 3.41
N ALA B 350 23.32 7.87 4.44
CA ALA B 350 23.93 8.15 5.76
C ALA B 350 25.46 8.19 5.63
N LYS B 351 26.02 7.23 4.91
CA LYS B 351 27.44 7.29 4.54
C LYS B 351 27.86 8.63 3.88
N LYS B 352 27.19 9.06 2.85
CA LYS B 352 27.53 10.33 2.24
C LYS B 352 27.29 11.50 3.16
N ALA B 353 26.26 11.40 4.01
CA ALA B 353 25.88 12.54 4.86
C ALA B 353 27.02 12.78 5.87
N ALA B 354 27.63 11.69 6.32
CA ALA B 354 28.62 11.73 7.40
C ALA B 354 29.94 12.29 6.91
N GLU B 355 30.24 12.10 5.62
CA GLU B 355 31.48 12.54 5.00
C GLU B 355 31.34 14.00 4.59
N GLY B 356 30.12 14.53 4.56
CA GLY B 356 29.92 15.97 4.50
C GLY B 356 29.94 16.55 3.12
N ASP B 357 29.67 15.76 2.09
CA ASP B 357 29.61 16.40 0.76
C ASP B 357 28.16 16.72 0.29
N LEU B 358 27.15 16.51 1.12
CA LEU B 358 25.76 16.84 0.74
C LEU B 358 25.31 18.16 1.33
N GLU B 359 24.66 18.99 0.53
CA GLU B 359 24.03 20.23 0.99
C GLU B 359 22.92 19.82 1.97
N PRO B 360 22.79 20.52 3.12
CA PRO B 360 21.65 20.25 4.03
C PRO B 360 20.33 20.48 3.24
N GLY B 361 19.29 19.68 3.53
CA GLY B 361 17.97 19.87 2.91
C GLY B 361 17.30 18.52 2.82
N ASP B 362 16.33 18.39 1.96
CA ASP B 362 15.54 17.15 1.93
C ASP B 362 16.07 16.19 0.88
N TYR B 363 16.12 14.91 1.21
CA TYR B 363 16.64 13.92 0.33
C TYR B 363 15.58 12.83 0.28
N VAL B 364 15.27 12.34 -0.92
CA VAL B 364 14.29 11.34 -1.10
C VAL B 364 15.02 9.98 -1.34
N VAL B 365 14.74 9.01 -0.49
CA VAL B 365 15.20 7.60 -0.65
C VAL B 365 14.07 6.79 -1.26
N VAL B 366 14.34 6.21 -2.45
CA VAL B 366 13.36 5.31 -3.09
C VAL B 366 13.55 3.94 -2.44
N VAL B 367 12.50 3.56 -1.73
CA VAL B 367 12.43 2.26 -1.09
C VAL B 367 11.67 1.36 -2.06
N PRO B 368 12.36 0.40 -2.68
CA PRO B 368 11.78 -0.46 -3.73
C PRO B 368 10.69 -1.42 -3.25
N ASP B 369 10.80 -1.90 -2.01
CA ASP B 369 9.76 -2.82 -1.55
C ASP B 369 9.68 -3.01 -0.01
N THR B 370 8.80 -3.89 0.42
CA THR B 370 8.54 -4.04 1.83
C THR B 370 9.35 -5.17 2.41
N GLY B 371 9.93 -4.91 3.59
CA GLY B 371 10.62 -5.93 4.40
C GLY B 371 9.79 -7.14 4.77
N PHE B 372 8.47 -7.03 4.72
CA PHE B 372 7.61 -8.13 5.06
C PHE B 372 7.94 -9.29 4.13
N LYS B 373 8.58 -9.03 2.99
CA LYS B 373 8.78 -10.11 2.04
C LYS B 373 10.18 -10.80 2.25
N TYR B 374 10.91 -10.45 3.29
CA TYR B 374 12.30 -10.87 3.49
C TYR B 374 12.50 -11.40 4.93
N LEU B 375 11.68 -12.36 5.31
CA LEU B 375 11.63 -12.74 6.74
C LEU B 375 12.95 -13.40 7.20
N SER B 376 13.60 -14.15 6.31
CA SER B 376 14.79 -14.82 6.83
C SER B 376 15.96 -13.86 6.95
N LEU B 377 16.01 -12.81 6.11
CA LEU B 377 17.04 -11.78 6.33
C LEU B 377 16.77 -10.99 7.56
N VAL B 378 15.48 -10.76 7.83
CA VAL B 378 15.16 -9.99 9.04
C VAL B 378 15.63 -10.76 10.31
N GLN B 379 15.29 -12.04 10.29
CA GLN B 379 15.76 -12.96 11.35
C GLN B 379 17.28 -12.93 11.53
N ASN B 380 18.06 -13.10 10.47
CA ASN B 380 19.53 -12.95 10.62
C ASN B 380 19.95 -11.56 11.09
N ALA B 381 19.25 -10.50 10.70
CA ALA B 381 19.59 -9.15 11.16
C ALA B 381 19.39 -8.86 12.66
N LEU B 382 18.43 -9.55 13.27
CA LEU B 382 18.12 -9.38 14.70
C LEU B 382 19.34 -9.73 15.59
N GLU B 383 20.10 -10.78 15.27
CA GLU B 383 21.44 -10.95 15.94
C GLU B 383 22.51 -9.89 15.56
N GLY B 384 22.32 -8.64 16.01
CA GLY B 384 23.34 -7.61 15.87
C GLY B 384 24.38 -7.76 16.98
#